data_3PW8
#
_entry.id   3PW8
#
_cell.length_a   122.796
_cell.length_b   122.796
_cell.length_c   153.756
_cell.angle_alpha   90.00
_cell.angle_beta   90.00
_cell.angle_gamma   120.00
#
_symmetry.space_group_name_H-M   'P 32 2 1'
#
loop_
_entity.id
_entity.type
_entity.pdbx_description
1 polymer 'Phenylacetic acid degradation protein paaC'
2 polymer 'Phenylacetic acid degradation protein paaA'
3 non-polymer 'ACETYL COENZYME *A'
#
loop_
_entity_poly.entity_id
_entity_poly.type
_entity_poly.pdbx_seq_one_letter_code
_entity_poly.pdbx_strand_id
1 'polypeptide(L)'
;MGSSHHHHHHGSNQLTAYTLRLGDNCLVLSQRLGEWCGHAPELEIDLALANIGLDLLGQARNFLSYAAELAGEGDEDTLA
FTRDERQFSNLLLVEQPNGNFADTIARQYFIDAWHVALFTRLMESRDPQLAAISAKAIKEARYHLRFSRGWLERLGNGTD
VSGQKMQQAINKLWRFTAELFDADEIDIALSEEGIAVDPRTLRAAWEAEVFAGINEATLNVPQEQAYRTGGKKGLHTEHL
GPMLAEMQYLQRVLPGQQW
;
A,B
2 'polypeptide(L)'
;MRSTQEERFEQRIAQETAIEPQDWMPDAYRKTLIRQIGQHAHSEIVGMLPEGNWITRAPTLRRKAILLAKVQDEAGHGLY
LYSAAETLGCAREDIYQKMLDGRMKYSSIFNYPTLSWADIGVIGWLVDGAAIVNQVALCRTSYGPYARAMVKICKEESFH
QRQGFEACMALAQGSEAQKQMLQDAINRFWWPALMMFGPNDDNSPNSARSLTWKIKRFTNDELRQRFVDNTVPQVEMLGM
TVPDPDLHFDTESGHYRFGEIDWQEFNEVINGRGICNQERLDAKRKAWEEGTWVREAALAHAQKQHARKVA
;
C,D
#
loop_
_chem_comp.id
_chem_comp.type
_chem_comp.name
_chem_comp.formula
ACO non-polymer 'ACETYL COENZYME *A' 'C23 H38 N7 O17 P3 S'
#
# COMPACT_ATOMS: atom_id res chain seq x y z
N ASN A 13 -24.17 19.80 -16.43
CA ASN A 13 -23.90 18.39 -15.96
C ASN A 13 -22.88 17.66 -16.85
N GLN A 14 -23.13 17.60 -18.16
CA GLN A 14 -22.17 16.99 -19.11
C GLN A 14 -20.83 17.71 -19.07
N LEU A 15 -20.88 19.03 -18.87
CA LEU A 15 -19.68 19.81 -18.87
C LEU A 15 -18.95 19.53 -17.58
N THR A 16 -19.70 19.41 -16.48
CA THR A 16 -19.17 19.06 -15.17
C THR A 16 -18.49 17.69 -15.22
N ALA A 17 -19.21 16.73 -15.79
CA ALA A 17 -18.72 15.39 -15.97
C ALA A 17 -17.34 15.42 -16.62
N TYR A 18 -17.21 16.24 -17.67
CA TYR A 18 -16.01 16.32 -18.46
C TYR A 18 -14.88 16.92 -17.67
N THR A 19 -15.13 18.07 -17.06
CA THR A 19 -14.13 18.76 -16.23
C THR A 19 -13.55 17.78 -15.23
N LEU A 20 -14.44 17.11 -14.49
CA LEU A 20 -14.08 16.04 -13.56
C LEU A 20 -13.18 14.95 -14.14
N ARG A 21 -13.46 14.50 -15.36
CA ARG A 21 -12.61 13.49 -15.98
C ARG A 21 -11.20 14.02 -16.07
N LEU A 22 -11.05 15.19 -16.66
CA LEU A 22 -9.75 15.82 -16.84
C LEU A 22 -9.04 16.07 -15.52
N GLY A 23 -9.79 16.59 -14.54
CA GLY A 23 -9.29 16.87 -13.20
C GLY A 23 -8.92 15.64 -12.41
N ASP A 24 -9.69 14.57 -12.58
CA ASP A 24 -9.44 13.30 -11.89
C ASP A 24 -8.22 12.59 -12.46
N ASN A 25 -7.98 12.76 -13.76
CA ASN A 25 -6.77 12.25 -14.39
C ASN A 25 -5.56 12.80 -13.71
N CYS A 26 -5.55 14.10 -13.51
CA CYS A 26 -4.39 14.76 -12.96
C CYS A 26 -4.24 14.40 -11.49
N LEU A 27 -5.35 14.41 -10.76
CA LEU A 27 -5.30 14.14 -9.34
C LEU A 27 -4.81 12.73 -9.05
N VAL A 28 -5.32 11.74 -9.78
CA VAL A 28 -4.91 10.37 -9.49
C VAL A 28 -3.43 10.19 -9.79
N LEU A 29 -3.01 10.59 -10.99
CA LEU A 29 -1.61 10.49 -11.39
C LEU A 29 -0.75 11.23 -10.40
N SER A 30 -1.28 12.35 -9.92
CA SER A 30 -0.57 13.16 -8.97
C SER A 30 -0.17 12.31 -7.76
N GLN A 31 -1.17 11.62 -7.20
CA GLN A 31 -1.00 10.72 -6.06
C GLN A 31 0.09 9.69 -6.28
N ARG A 32 0.12 9.12 -7.48
CA ARG A 32 1.11 8.10 -7.83
C ARG A 32 2.52 8.61 -7.70
N LEU A 33 2.78 9.79 -8.24
CA LEU A 33 4.11 10.37 -8.19
C LEU A 33 4.50 10.76 -6.78
N GLY A 34 3.51 11.06 -5.95
CA GLY A 34 3.77 11.38 -4.55
C GLY A 34 4.57 10.29 -3.85
N GLU A 35 4.27 9.04 -4.20
CA GLU A 35 4.89 7.86 -3.61
C GLU A 35 6.37 7.70 -3.96
N TRP A 36 6.79 8.31 -5.06
CA TRP A 36 8.19 8.22 -5.48
C TRP A 36 9.10 9.11 -4.67
N CYS A 37 8.51 10.09 -4.00
CA CYS A 37 9.25 11.11 -3.26
C CYS A 37 10.19 10.53 -2.19
N GLY A 38 11.49 10.74 -2.39
CA GLY A 38 12.51 10.21 -1.49
C GLY A 38 13.12 8.93 -2.00
N HIS A 39 12.47 8.28 -2.96
CA HIS A 39 12.82 6.91 -3.36
C HIS A 39 13.41 6.76 -4.75
N ALA A 40 13.64 7.87 -5.43
CA ALA A 40 14.07 7.82 -6.84
C ALA A 40 15.53 7.35 -7.03
N PRO A 41 15.95 7.08 -8.28
CA PRO A 41 17.34 6.66 -8.50
C PRO A 41 18.38 7.75 -8.13
N GLU A 42 18.25 8.94 -8.70
CA GLU A 42 19.07 10.05 -8.21
C GLU A 42 18.22 11.23 -7.77
N LEU A 43 18.85 12.15 -7.04
CA LEU A 43 18.17 13.32 -6.51
C LEU A 43 17.49 14.15 -7.60
N GLU A 44 18.15 14.34 -8.73
CA GLU A 44 17.58 15.15 -9.81
C GLU A 44 16.24 14.56 -10.24
N ILE A 45 16.17 13.23 -10.33
CA ILE A 45 14.93 12.54 -10.66
C ILE A 45 13.89 12.78 -9.57
N ASP A 46 14.29 12.63 -8.31
CA ASP A 46 13.41 12.95 -7.18
C ASP A 46 12.76 14.33 -7.32
N LEU A 47 13.59 15.31 -7.65
CA LEU A 47 13.18 16.72 -7.81
C LEU A 47 12.33 16.89 -9.05
N ALA A 48 12.72 16.20 -10.13
CA ALA A 48 11.95 16.24 -11.36
C ALA A 48 10.56 15.71 -11.06
N LEU A 49 10.51 14.58 -10.36
CA LEU A 49 9.26 13.86 -10.05
C LEU A 49 8.34 14.61 -9.11
N ALA A 50 8.90 15.19 -8.05
CA ALA A 50 8.15 16.05 -7.14
C ALA A 50 7.47 17.15 -7.95
N ASN A 51 8.23 17.73 -8.88
CA ASN A 51 7.78 18.89 -9.64
C ASN A 51 6.63 18.58 -10.64
N ILE A 52 6.78 17.47 -11.36
CA ILE A 52 5.73 16.99 -12.23
C ILE A 52 4.43 16.76 -11.45
N GLY A 53 4.55 16.11 -10.30
CA GLY A 53 3.41 15.87 -9.41
C GLY A 53 2.72 17.15 -8.95
N LEU A 54 3.51 18.18 -8.67
CA LEU A 54 2.98 19.47 -8.23
C LEU A 54 2.26 20.20 -9.36
N ASP A 55 2.80 20.12 -10.58
CA ASP A 55 2.11 20.67 -11.75
C ASP A 55 0.78 19.98 -11.91
N LEU A 56 0.79 18.66 -11.84
CA LEU A 56 -0.39 17.86 -12.08
C LEU A 56 -1.43 18.13 -11.02
N LEU A 57 -0.98 18.26 -9.78
CA LEU A 57 -1.88 18.52 -8.68
C LEU A 57 -2.50 19.90 -8.91
N GLY A 58 -1.65 20.81 -9.37
CA GLY A 58 -2.07 22.16 -9.68
C GLY A 58 -3.19 22.13 -10.69
N GLN A 59 -2.98 21.35 -11.76
CA GLN A 59 -3.96 21.18 -12.82
C GLN A 59 -5.25 20.62 -12.26
N ALA A 60 -5.11 19.61 -11.39
CA ALA A 60 -6.26 18.98 -10.75
C ALA A 60 -7.10 20.00 -9.97
N ARG A 61 -6.44 20.88 -9.23
CA ARG A 61 -7.13 21.89 -8.44
C ARG A 61 -8.00 22.84 -9.27
N ASN A 62 -7.54 23.16 -10.47
CA ASN A 62 -8.26 24.11 -11.30
C ASN A 62 -9.44 23.48 -11.97
N PHE A 63 -9.28 22.26 -12.47
CA PHE A 63 -10.37 21.52 -13.07
C PHE A 63 -11.45 21.18 -12.07
N LEU A 64 -11.03 20.73 -10.89
CA LEU A 64 -11.99 20.41 -9.85
C LEU A 64 -12.64 21.67 -9.32
N SER A 65 -11.87 22.75 -9.17
CA SER A 65 -12.44 23.99 -8.66
C SER A 65 -13.49 24.51 -9.62
N TYR A 66 -13.23 24.36 -10.92
CA TYR A 66 -14.23 24.72 -11.92
C TYR A 66 -15.44 23.81 -11.79
N ALA A 67 -15.22 22.49 -11.79
CA ALA A 67 -16.31 21.50 -11.62
C ALA A 67 -17.23 21.86 -10.47
N ALA A 68 -16.62 22.13 -9.32
CA ALA A 68 -17.34 22.54 -8.14
C ALA A 68 -18.20 23.76 -8.45
N GLU A 69 -17.76 24.57 -9.40
CA GLU A 69 -18.48 25.81 -9.71
C GLU A 69 -19.66 25.55 -10.65
N LEU A 70 -19.47 24.73 -11.68
CA LEU A 70 -20.57 24.31 -12.54
C LEU A 70 -21.68 23.66 -11.74
N ALA A 71 -21.26 22.93 -10.71
CA ALA A 71 -22.17 22.21 -9.85
C ALA A 71 -22.91 23.15 -8.89
N GLY A 72 -22.24 24.24 -8.51
CA GLY A 72 -22.81 25.22 -7.57
C GLY A 72 -22.74 24.77 -6.13
N GLU A 73 -22.01 23.69 -5.87
CA GLU A 73 -21.85 23.13 -4.51
C GLU A 73 -20.49 22.47 -4.30
N GLY A 74 -20.05 22.44 -3.04
CA GLY A 74 -18.76 21.86 -2.65
C GLY A 74 -17.56 22.65 -3.12
N ASP A 75 -16.41 21.99 -3.21
CA ASP A 75 -15.19 22.59 -3.77
C ASP A 75 -14.19 21.51 -4.18
N GLU A 76 -12.97 21.91 -4.53
CA GLU A 76 -11.95 20.95 -4.93
C GLU A 76 -11.76 19.85 -3.89
N ASP A 77 -11.88 20.19 -2.60
CA ASP A 77 -11.73 19.19 -1.54
C ASP A 77 -12.90 18.18 -1.43
N THR A 78 -14.15 18.67 -1.47
CA THR A 78 -15.29 17.76 -1.41
C THR A 78 -15.26 16.75 -2.56
N LEU A 79 -14.90 17.22 -3.75
CA LEU A 79 -14.82 16.34 -4.91
C LEU A 79 -13.66 15.37 -4.81
N ALA A 80 -12.58 15.80 -4.18
CA ALA A 80 -11.40 14.98 -4.08
C ALA A 80 -11.51 13.97 -2.98
N PHE A 81 -12.34 14.27 -1.99
CA PHE A 81 -12.26 13.53 -0.75
C PHE A 81 -13.53 12.85 -0.31
N THR A 82 -14.68 13.31 -0.80
CA THR A 82 -15.97 12.71 -0.44
C THR A 82 -16.66 11.95 -1.59
N ARG A 83 -15.87 11.48 -2.56
CA ARG A 83 -16.38 10.57 -3.58
C ARG A 83 -15.64 9.23 -3.52
N ASP A 84 -16.36 8.13 -3.80
CA ASP A 84 -15.77 6.79 -3.73
C ASP A 84 -15.28 6.37 -5.11
N GLU A 85 -14.68 5.19 -5.19
CA GLU A 85 -14.13 4.73 -6.46
C GLU A 85 -15.16 4.62 -7.57
N ARG A 86 -16.42 4.49 -7.22
CA ARG A 86 -17.41 4.37 -8.28
C ARG A 86 -17.76 5.73 -8.88
N GLN A 87 -17.16 6.79 -8.35
CA GLN A 87 -17.51 8.14 -8.75
C GLN A 87 -16.37 8.83 -9.44
N PHE A 88 -15.15 8.44 -9.10
CA PHE A 88 -13.94 8.94 -9.76
C PHE A 88 -13.95 8.63 -11.27
N SER A 89 -13.57 9.59 -12.09
CA SER A 89 -13.67 9.38 -13.53
C SER A 89 -12.34 9.43 -14.23
N ASN A 90 -11.28 9.13 -13.48
CA ASN A 90 -9.95 9.10 -14.07
C ASN A 90 -9.75 7.96 -15.07
N LEU A 91 -8.75 8.13 -15.94
CA LEU A 91 -8.29 7.09 -16.85
C LEU A 91 -7.66 5.94 -16.09
N LEU A 92 -7.89 4.71 -16.56
CA LEU A 92 -7.38 3.53 -15.88
C LEU A 92 -5.86 3.53 -15.90
N LEU A 93 -5.31 4.13 -16.94
CA LEU A 93 -3.87 4.26 -17.09
C LEU A 93 -3.20 5.03 -15.95
N VAL A 94 -3.88 6.03 -15.39
CA VAL A 94 -3.25 6.83 -14.34
C VAL A 94 -3.16 6.11 -13.00
N GLU A 95 -3.95 5.07 -12.81
CA GLU A 95 -4.03 4.43 -11.49
C GLU A 95 -3.09 3.26 -11.31
N GLN A 96 -2.54 2.77 -12.42
CA GLN A 96 -1.61 1.63 -12.42
C GLN A 96 -0.45 1.84 -11.43
N PRO A 97 0.07 0.75 -10.81
CA PRO A 97 1.15 0.90 -9.82
C PRO A 97 2.38 1.57 -10.40
N ASN A 98 3.14 2.24 -9.55
CA ASN A 98 4.42 2.82 -9.97
C ASN A 98 5.41 1.79 -10.52
N GLY A 99 5.37 0.56 -9.99
CA GLY A 99 6.30 -0.50 -10.41
C GLY A 99 7.74 -0.07 -10.20
N ASN A 100 8.61 -0.51 -11.11
CA ASN A 100 10.02 -0.08 -11.11
C ASN A 100 10.11 1.19 -11.94
N PHE A 101 11.28 1.83 -11.93
CA PHE A 101 11.38 3.12 -12.58
C PHE A 101 10.87 3.14 -14.04
N ALA A 102 11.14 2.07 -14.79
CA ALA A 102 10.68 2.01 -16.20
C ALA A 102 9.15 1.97 -16.32
N ASP A 103 8.50 1.29 -15.38
CA ASP A 103 7.05 1.28 -15.29
C ASP A 103 6.46 2.68 -15.12
N THR A 104 7.05 3.47 -14.23
CA THR A 104 6.58 4.83 -14.01
C THR A 104 6.82 5.71 -15.23
N ILE A 105 7.97 5.53 -15.88
CA ILE A 105 8.32 6.32 -17.07
C ILE A 105 7.33 6.06 -18.20
N ALA A 106 7.10 4.79 -18.52
CA ALA A 106 6.17 4.39 -19.57
C ALA A 106 4.79 5.03 -19.46
N ARG A 107 4.27 5.08 -18.22
CA ARG A 107 2.93 5.61 -17.93
C ARG A 107 2.92 7.12 -18.11
N GLN A 108 3.96 7.77 -17.58
CA GLN A 108 4.09 9.21 -17.69
C GLN A 108 4.21 9.64 -19.17
N TYR A 109 4.97 8.87 -19.95
CA TYR A 109 5.10 9.11 -21.38
C TYR A 109 3.73 9.11 -22.06
N PHE A 110 3.08 7.95 -22.09
CA PHE A 110 1.76 7.80 -22.68
C PHE A 110 0.86 8.93 -22.24
N ILE A 111 1.05 9.41 -21.02
CA ILE A 111 0.16 10.43 -20.49
C ILE A 111 0.50 11.84 -20.96
N ASP A 112 1.77 12.22 -20.87
CA ASP A 112 2.18 13.55 -21.27
C ASP A 112 1.97 13.78 -22.76
N ALA A 113 2.34 12.78 -23.56
CA ALA A 113 2.06 12.80 -24.99
C ALA A 113 0.59 13.14 -25.21
N TRP A 114 -0.29 12.44 -24.49
CA TRP A 114 -1.73 12.67 -24.54
C TRP A 114 -2.10 14.09 -24.10
N HIS A 115 -1.57 14.50 -22.95
CA HIS A 115 -1.79 15.85 -22.43
C HIS A 115 -1.35 16.96 -23.40
N VAL A 116 -0.18 16.76 -24.01
CA VAL A 116 0.33 17.69 -25.01
C VAL A 116 -0.66 17.82 -26.16
N ALA A 117 -1.05 16.70 -26.74
CA ALA A 117 -2.03 16.69 -27.80
C ALA A 117 -3.34 17.35 -27.37
N LEU A 118 -3.81 17.01 -26.18
CA LEU A 118 -5.13 17.43 -25.74
C LEU A 118 -5.20 18.90 -25.38
N PHE A 119 -4.29 19.35 -24.51
CA PHE A 119 -4.31 20.71 -24.06
C PHE A 119 -3.97 21.70 -25.18
N THR A 120 -3.15 21.27 -26.15
CA THR A 120 -2.87 22.10 -27.33
C THR A 120 -4.18 22.52 -28.00
N ARG A 121 -5.16 21.64 -27.97
CA ARG A 121 -6.42 21.87 -28.65
C ARG A 121 -7.55 22.34 -27.73
N LEU A 122 -7.34 22.16 -26.45
CA LEU A 122 -8.38 22.50 -25.49
C LEU A 122 -8.30 23.99 -25.19
N MET A 123 -7.14 24.61 -25.45
CA MET A 123 -7.04 26.07 -25.27
C MET A 123 -7.91 26.84 -26.29
N GLU A 124 -8.42 26.10 -27.27
CA GLU A 124 -9.42 26.57 -28.25
C GLU A 124 -10.87 26.49 -27.79
N SER A 125 -11.16 25.64 -26.82
CA SER A 125 -12.52 25.48 -26.32
C SER A 125 -13.34 26.77 -26.21
N ARG A 126 -14.61 26.68 -26.62
CA ARG A 126 -15.54 27.78 -26.55
C ARG A 126 -16.03 28.06 -25.12
N ASP A 127 -15.71 27.16 -24.19
CA ASP A 127 -15.84 27.41 -22.74
C ASP A 127 -14.54 28.09 -22.30
N PRO A 128 -14.63 29.36 -21.88
CA PRO A 128 -13.43 30.11 -21.57
C PRO A 128 -12.55 29.44 -20.50
N GLN A 129 -13.16 29.03 -19.38
CA GLN A 129 -12.44 28.44 -18.24
C GLN A 129 -11.64 27.22 -18.61
N LEU A 130 -12.26 26.30 -19.33
CA LEU A 130 -11.54 25.16 -19.85
C LEU A 130 -10.31 25.61 -20.64
N ALA A 131 -10.53 26.53 -21.58
CA ALA A 131 -9.45 27.06 -22.41
C ALA A 131 -8.35 27.70 -21.58
N ALA A 132 -8.78 28.52 -20.61
CA ALA A 132 -7.88 29.19 -19.67
C ALA A 132 -7.01 28.22 -18.90
N ILE A 133 -7.62 27.10 -18.46
CA ILE A 133 -6.92 26.09 -17.67
C ILE A 133 -5.92 25.31 -18.50
N SER A 134 -6.29 25.02 -19.75
CA SER A 134 -5.43 24.25 -20.65
C SER A 134 -4.27 25.08 -21.17
N ALA A 135 -4.47 26.39 -21.21
CA ALA A 135 -3.43 27.32 -21.63
C ALA A 135 -2.28 27.35 -20.62
N LYS A 136 -2.62 27.37 -19.33
CA LYS A 136 -1.64 27.20 -18.25
C LYS A 136 -1.01 25.81 -18.34
N ALA A 137 -1.86 24.80 -18.50
CA ALA A 137 -1.44 23.40 -18.46
C ALA A 137 -0.51 22.96 -19.57
N ILE A 138 -0.77 23.37 -20.81
CA ILE A 138 0.06 22.94 -21.93
C ILE A 138 1.53 23.32 -21.74
N LYS A 139 1.77 24.45 -21.06
CA LYS A 139 3.12 24.92 -20.77
C LYS A 139 3.89 23.86 -19.97
N GLU A 140 3.26 23.40 -18.89
CA GLU A 140 3.80 22.33 -18.05
C GLU A 140 3.92 21.00 -18.81
N ALA A 141 2.84 20.59 -19.47
CA ALA A 141 2.80 19.34 -20.23
C ALA A 141 4.00 19.13 -21.14
N ARG A 142 4.42 20.19 -21.83
CA ARG A 142 5.57 20.12 -22.73
C ARG A 142 6.86 19.87 -21.96
N TYR A 143 6.97 20.44 -20.77
CA TYR A 143 8.09 20.11 -19.88
C TYR A 143 8.06 18.62 -19.47
N HIS A 144 6.86 18.09 -19.22
CA HIS A 144 6.70 16.71 -18.77
C HIS A 144 7.05 15.73 -19.87
N LEU A 145 6.64 16.07 -21.09
CA LEU A 145 6.90 15.23 -22.25
C LEU A 145 8.39 15.17 -22.53
N ARG A 146 9.06 16.33 -22.44
CA ARG A 146 10.52 16.38 -22.50
C ARG A 146 11.14 15.43 -21.50
N PHE A 147 10.62 15.45 -20.27
CA PHE A 147 11.12 14.58 -19.21
C PHE A 147 10.87 13.09 -19.46
N SER A 148 9.63 12.73 -19.75
CA SER A 148 9.25 11.32 -19.90
C SER A 148 9.83 10.69 -21.17
N ARG A 149 9.91 11.48 -22.25
CA ARG A 149 10.65 11.09 -23.46
C ARG A 149 12.13 10.95 -23.12
N GLY A 150 12.69 12.00 -22.52
CA GLY A 150 14.04 11.98 -21.98
C GLY A 150 14.43 10.60 -21.50
N TRP A 151 13.69 10.07 -20.54
CA TRP A 151 14.01 8.75 -19.97
C TRP A 151 13.66 7.52 -20.83
N LEU A 152 12.67 7.65 -21.73
CA LEU A 152 12.34 6.55 -22.61
C LEU A 152 13.51 6.17 -23.50
N GLU A 153 14.18 7.18 -24.04
CA GLU A 153 15.35 6.94 -24.89
C GLU A 153 16.49 6.40 -24.04
N ARG A 154 16.68 7.02 -22.89
CA ARG A 154 17.76 6.68 -21.98
C ARG A 154 17.73 5.23 -21.52
N LEU A 155 16.53 4.67 -21.39
CA LEU A 155 16.40 3.31 -20.85
C LEU A 155 16.23 2.23 -21.93
N GLY A 156 15.56 2.58 -23.02
CA GLY A 156 15.45 1.68 -24.18
C GLY A 156 16.74 1.60 -25.00
N ASN A 157 17.27 2.77 -25.34
CA ASN A 157 18.57 2.87 -25.98
C ASN A 157 19.69 3.06 -24.91
N GLY A 158 19.75 2.13 -23.97
CA GLY A 158 20.70 2.21 -22.86
C GLY A 158 21.48 0.93 -22.74
N THR A 159 21.37 0.24 -21.60
CA THR A 159 22.00 -1.07 -21.44
C THR A 159 21.00 -2.14 -21.84
N ASP A 160 21.49 -3.37 -22.04
CA ASP A 160 20.60 -4.49 -22.42
C ASP A 160 19.49 -4.67 -21.40
N VAL A 161 19.86 -4.67 -20.12
CA VAL A 161 18.92 -4.77 -19.00
C VAL A 161 17.81 -3.72 -19.13
N SER A 162 18.22 -2.45 -19.21
CA SER A 162 17.31 -1.31 -19.22
C SER A 162 16.38 -1.31 -20.42
N GLY A 163 16.92 -1.53 -21.61
CA GLY A 163 16.09 -1.64 -22.80
C GLY A 163 15.03 -2.70 -22.62
N GLN A 164 15.41 -3.78 -21.94
CA GLN A 164 14.54 -4.92 -21.72
C GLN A 164 13.40 -4.62 -20.72
N LYS A 165 13.75 -4.11 -19.55
CA LYS A 165 12.75 -3.64 -18.58
C LYS A 165 11.80 -2.61 -19.19
N MET A 166 12.36 -1.67 -19.97
CA MET A 166 11.59 -0.65 -20.66
C MET A 166 10.61 -1.24 -21.69
N GLN A 167 11.08 -2.21 -22.48
CA GLN A 167 10.21 -2.90 -23.42
C GLN A 167 9.01 -3.53 -22.69
N GLN A 168 9.26 -4.06 -21.50
CA GLN A 168 8.23 -4.78 -20.77
C GLN A 168 7.27 -3.83 -20.09
N ALA A 169 7.83 -2.78 -19.50
CA ALA A 169 7.01 -1.69 -18.95
C ALA A 169 5.95 -1.20 -19.95
N ILE A 170 6.36 -1.04 -21.20
CA ILE A 170 5.49 -0.62 -22.29
C ILE A 170 4.46 -1.69 -22.64
N ASN A 171 4.90 -2.94 -22.76
CA ASN A 171 4.00 -4.06 -23.05
C ASN A 171 2.86 -4.16 -22.06
N LYS A 172 3.18 -4.05 -20.78
CA LYS A 172 2.21 -4.29 -19.71
C LYS A 172 1.24 -3.13 -19.48
N LEU A 173 1.56 -1.93 -19.95
CA LEU A 173 0.62 -0.81 -19.83
C LEU A 173 -0.23 -0.64 -21.07
N TRP A 174 0.18 -1.27 -22.17
CA TRP A 174 -0.37 -0.99 -23.48
C TRP A 174 -1.89 -1.17 -23.63
N ARG A 175 -2.42 -2.25 -23.06
CA ARG A 175 -3.85 -2.55 -23.15
C ARG A 175 -4.74 -1.38 -22.69
N PHE A 176 -4.16 -0.48 -21.90
CA PHE A 176 -4.88 0.67 -21.34
C PHE A 176 -4.93 1.87 -22.26
N THR A 177 -3.99 1.96 -23.18
CA THR A 177 -3.95 3.10 -24.12
C THR A 177 -5.22 3.24 -24.94
N ALA A 178 -6.07 2.20 -24.96
CA ALA A 178 -7.35 2.23 -25.67
C ALA A 178 -8.29 3.36 -25.23
N GLU A 179 -8.20 3.73 -23.98
CA GLU A 179 -9.16 4.62 -23.38
C GLU A 179 -8.90 6.10 -23.69
N LEU A 180 -7.72 6.39 -24.23
CA LEU A 180 -7.33 7.77 -24.52
C LEU A 180 -8.09 8.29 -25.73
N PHE A 181 -8.58 7.37 -26.54
CA PHE A 181 -9.21 7.71 -27.81
C PHE A 181 -10.64 7.21 -27.86
N ASP A 182 -11.09 6.62 -26.75
CA ASP A 182 -12.48 6.20 -26.65
C ASP A 182 -13.31 7.46 -26.44
N ALA A 183 -14.39 7.58 -27.21
CA ALA A 183 -15.27 8.72 -27.10
C ALA A 183 -16.65 8.23 -26.70
N ASP A 184 -17.23 8.85 -25.69
CA ASP A 184 -18.59 8.51 -25.28
C ASP A 184 -19.54 9.68 -25.49
N GLU A 185 -20.81 9.45 -25.18
CA GLU A 185 -21.88 10.41 -25.42
C GLU A 185 -21.54 11.83 -24.96
N ILE A 186 -20.79 11.94 -23.87
CA ILE A 186 -20.41 13.23 -23.29
C ILE A 186 -19.31 13.92 -24.12
N ASP A 187 -18.33 13.13 -24.57
CA ASP A 187 -17.24 13.63 -25.42
C ASP A 187 -17.77 14.09 -26.77
N ILE A 188 -18.79 13.40 -27.26
CA ILE A 188 -19.34 13.69 -28.59
C ILE A 188 -20.21 14.95 -28.55
N ALA A 189 -21.21 14.94 -27.67
CA ALA A 189 -22.14 16.06 -27.60
C ALA A 189 -21.48 17.37 -27.19
N LEU A 190 -20.44 17.32 -26.37
CA LEU A 190 -19.75 18.55 -25.95
C LEU A 190 -18.76 19.00 -27.00
N SER A 191 -18.32 18.06 -27.83
CA SER A 191 -17.36 18.31 -28.90
C SER A 191 -18.01 18.95 -30.13
N GLU A 192 -19.28 18.59 -30.36
CA GLU A 192 -20.11 19.22 -31.37
C GLU A 192 -20.39 20.70 -31.04
N GLU A 193 -20.50 21.02 -29.76
CA GLU A 193 -20.58 22.41 -29.32
C GLU A 193 -19.21 23.10 -29.26
N GLY A 194 -18.15 22.36 -29.61
CA GLY A 194 -16.77 22.91 -29.64
C GLY A 194 -16.22 23.31 -28.29
N ILE A 195 -16.87 22.83 -27.22
CA ILE A 195 -16.38 22.96 -25.86
C ILE A 195 -15.32 21.89 -25.62
N ALA A 196 -15.63 20.65 -25.96
CA ALA A 196 -14.70 19.55 -25.75
C ALA A 196 -13.89 19.21 -27.00
N VAL A 197 -12.88 18.37 -26.81
CA VAL A 197 -12.07 17.80 -27.85
C VAL A 197 -12.44 16.32 -27.96
N ASP A 198 -12.96 15.89 -29.11
CA ASP A 198 -13.26 14.48 -29.39
C ASP A 198 -12.00 13.62 -29.22
N PRO A 199 -11.99 12.69 -28.25
CA PRO A 199 -10.77 11.92 -28.02
C PRO A 199 -10.33 11.18 -29.25
N ARG A 200 -11.24 10.88 -30.15
CA ARG A 200 -10.88 10.14 -31.35
C ARG A 200 -9.93 10.90 -32.26
N THR A 201 -10.08 12.23 -32.32
CA THR A 201 -9.22 13.05 -33.16
C THR A 201 -7.81 13.17 -32.57
N LEU A 202 -7.65 12.75 -31.31
CA LEU A 202 -6.33 12.79 -30.65
C LEU A 202 -5.40 11.64 -31.05
N ARG A 203 -5.97 10.58 -31.63
CA ARG A 203 -5.20 9.38 -31.97
C ARG A 203 -3.99 9.73 -32.81
N ALA A 204 -4.25 10.38 -33.94
CA ALA A 204 -3.24 10.75 -34.92
C ALA A 204 -2.00 11.37 -34.27
N ALA A 205 -2.19 12.50 -33.58
CA ALA A 205 -1.09 13.24 -32.92
C ALA A 205 -0.34 12.43 -31.85
N TRP A 206 -1.08 11.60 -31.12
CA TRP A 206 -0.50 10.74 -30.08
C TRP A 206 0.38 9.67 -30.72
N GLU A 207 -0.16 8.96 -31.71
CA GLU A 207 0.58 7.87 -32.34
C GLU A 207 1.82 8.41 -32.97
N ALA A 208 1.69 9.56 -33.64
CA ALA A 208 2.82 10.18 -34.33
C ALA A 208 3.99 10.41 -33.38
N GLU A 209 3.69 10.91 -32.18
CA GLU A 209 4.68 11.16 -31.12
C GLU A 209 5.25 9.87 -30.52
N VAL A 210 4.36 9.01 -30.04
CA VAL A 210 4.74 7.82 -29.29
C VAL A 210 5.45 6.79 -30.16
N PHE A 211 4.79 6.38 -31.25
CA PHE A 211 5.36 5.45 -32.24
C PHE A 211 6.80 5.82 -32.62
N ALA A 212 6.99 7.11 -32.94
CA ALA A 212 8.32 7.67 -33.18
C ALA A 212 9.27 7.43 -31.99
N GLY A 213 8.85 7.91 -30.83
CA GLY A 213 9.63 7.78 -29.60
C GLY A 213 10.06 6.37 -29.24
N ILE A 214 9.15 5.41 -29.38
CA ILE A 214 9.46 4.03 -29.05
C ILE A 214 10.49 3.48 -30.03
N ASN A 215 10.27 3.73 -31.32
CA ASN A 215 11.18 3.25 -32.36
C ASN A 215 12.55 3.90 -32.30
N GLU A 216 12.58 5.18 -31.94
CA GLU A 216 13.86 5.85 -31.69
C GLU A 216 14.57 5.26 -30.48
N ALA A 217 13.80 4.68 -29.55
CA ALA A 217 14.37 4.02 -28.37
C ALA A 217 14.89 2.64 -28.74
N THR A 218 14.73 2.29 -30.02
CA THR A 218 15.01 0.96 -30.56
C THR A 218 14.19 -0.09 -29.82
N LEU A 219 12.90 0.15 -29.74
CA LEU A 219 11.97 -0.77 -29.10
C LEU A 219 10.79 -1.05 -30.04
N ASN A 220 9.76 -1.73 -29.54
CA ASN A 220 8.63 -2.16 -30.37
C ASN A 220 7.28 -1.67 -29.93
N VAL A 221 6.61 -0.96 -30.82
CA VAL A 221 5.21 -0.60 -30.64
C VAL A 221 4.44 -1.91 -30.58
N PRO A 222 3.80 -2.22 -29.43
CA PRO A 222 3.22 -3.56 -29.24
C PRO A 222 2.14 -3.94 -30.28
N GLN A 223 2.19 -5.21 -30.71
CA GLN A 223 1.30 -5.73 -31.74
C GLN A 223 -0.15 -5.90 -31.23
N GLU A 224 -0.30 -6.15 -29.94
CA GLU A 224 -1.59 -6.48 -29.32
C GLU A 224 -2.61 -5.32 -29.29
N GLN A 225 -3.85 -5.60 -29.61
CA GLN A 225 -4.90 -4.60 -29.59
C GLN A 225 -5.36 -4.25 -28.23
N ALA A 226 -5.51 -2.96 -28.00
CA ALA A 226 -5.88 -2.44 -26.72
C ALA A 226 -7.36 -2.52 -26.53
N TYR A 227 -7.80 -2.72 -25.29
CA TYR A 227 -9.20 -2.97 -25.04
C TYR A 227 -9.75 -2.53 -23.72
N ARG A 228 -8.97 -1.89 -22.90
CA ARG A 228 -9.42 -1.59 -21.58
C ARG A 228 -9.98 -0.21 -21.47
N THR A 229 -11.28 -0.11 -21.25
CA THR A 229 -11.91 1.14 -20.99
C THR A 229 -12.69 1.01 -19.70
N GLY A 230 -13.23 2.10 -19.20
CA GLY A 230 -14.20 2.03 -18.11
C GLY A 230 -14.02 3.07 -17.02
N GLY A 231 -12.76 3.42 -16.76
CA GLY A 231 -12.38 4.39 -15.75
C GLY A 231 -13.23 5.63 -15.79
N LYS A 232 -13.51 6.10 -17.00
CA LYS A 232 -14.28 7.32 -17.21
C LYS A 232 -15.72 7.24 -16.69
N LYS A 233 -16.26 6.02 -16.55
CA LYS A 233 -17.59 5.83 -15.96
C LYS A 233 -17.58 5.06 -14.62
N GLY A 234 -16.48 5.18 -13.89
CA GLY A 234 -16.40 4.67 -12.52
C GLY A 234 -16.08 3.19 -12.36
N LEU A 235 -15.80 2.51 -13.47
CA LEU A 235 -15.43 1.09 -13.42
C LEU A 235 -13.92 0.95 -13.50
N HIS A 236 -13.29 0.87 -12.33
CA HIS A 236 -11.84 0.94 -12.24
C HIS A 236 -11.22 -0.41 -12.02
N THR A 237 -9.90 -0.43 -12.05
CA THR A 237 -9.16 -1.62 -11.69
C THR A 237 -9.20 -1.78 -10.18
N GLU A 238 -8.58 -2.83 -9.69
CA GLU A 238 -8.57 -3.05 -8.25
C GLU A 238 -7.53 -2.23 -7.46
N HIS A 239 -6.86 -1.30 -8.15
CA HIS A 239 -5.84 -0.43 -7.54
C HIS A 239 -6.34 0.90 -6.98
N LEU A 240 -7.51 1.35 -7.42
CA LEU A 240 -7.97 2.67 -7.04
C LEU A 240 -8.52 2.72 -5.61
N GLY A 241 -9.37 1.76 -5.28
CA GLY A 241 -9.95 1.64 -3.94
C GLY A 241 -8.94 1.84 -2.85
N PRO A 242 -7.79 1.15 -2.91
CA PRO A 242 -6.70 1.36 -1.95
C PRO A 242 -6.02 2.72 -1.98
N MET A 243 -5.95 3.37 -3.15
CA MET A 243 -5.40 4.72 -3.20
C MET A 243 -6.37 5.66 -2.48
N LEU A 244 -7.66 5.54 -2.80
CA LEU A 244 -8.64 6.42 -2.23
C LEU A 244 -8.72 6.25 -0.70
N ALA A 245 -8.43 5.05 -0.22
CA ALA A 245 -8.44 4.82 1.20
C ALA A 245 -7.25 5.51 1.88
N GLU A 246 -6.07 5.46 1.26
CA GLU A 246 -4.90 6.17 1.77
C GLU A 246 -5.05 7.69 1.65
N MET A 247 -5.54 8.16 0.51
CA MET A 247 -5.72 9.60 0.24
C MET A 247 -6.79 10.28 1.10
N GLN A 248 -7.93 9.61 1.27
CA GLN A 248 -9.09 10.20 1.95
C GLN A 248 -9.14 9.97 3.47
N TYR A 249 -8.29 9.08 3.98
CA TYR A 249 -8.37 8.59 5.35
C TYR A 249 -8.73 9.69 6.36
N LEU A 250 -7.90 10.70 6.43
CA LEU A 250 -8.10 11.78 7.37
C LEU A 250 -9.43 12.54 7.16
N GLN A 251 -9.71 13.00 5.95
CA GLN A 251 -10.96 13.69 5.68
C GLN A 251 -12.16 12.85 6.10
N ARG A 252 -12.01 11.54 6.02
CA ARG A 252 -13.08 10.65 6.42
C ARG A 252 -13.22 10.57 7.93
N VAL A 253 -12.11 10.42 8.64
CA VAL A 253 -12.10 10.42 10.11
C VAL A 253 -12.62 11.75 10.67
N LEU A 254 -12.15 12.87 10.11
CA LEU A 254 -12.51 14.23 10.56
C LEU A 254 -13.14 15.09 9.45
N PRO A 255 -14.40 14.80 9.07
CA PRO A 255 -14.98 15.55 7.95
C PRO A 255 -15.43 16.96 8.35
N GLY A 256 -15.47 17.87 7.36
CA GLY A 256 -16.07 19.20 7.53
C GLY A 256 -15.21 20.21 8.27
N GLN A 257 -13.91 19.96 8.31
CA GLN A 257 -12.98 20.85 8.99
C GLN A 257 -12.18 21.69 8.00
N GLN A 258 -11.45 22.68 8.53
CA GLN A 258 -10.56 23.54 7.76
C GLN A 258 -9.12 23.15 8.14
N TRP A 259 -8.21 23.17 7.17
CA TRP A 259 -6.88 22.62 7.41
C TRP A 259 -5.73 23.58 7.17
N ASN B 13 -8.77 0.20 34.10
CA ASN B 13 -8.12 0.80 32.91
C ASN B 13 -6.73 0.21 32.66
N GLN B 14 -6.04 -0.25 33.70
CA GLN B 14 -4.75 -0.89 33.48
C GLN B 14 -4.98 -2.22 32.77
N LEU B 15 -5.69 -3.14 33.45
CA LEU B 15 -6.14 -4.38 32.86
C LEU B 15 -6.72 -4.18 31.45
N THR B 16 -7.69 -3.27 31.30
CA THR B 16 -8.25 -2.91 29.98
C THR B 16 -7.16 -2.69 28.92
N ALA B 17 -6.19 -1.85 29.25
CA ALA B 17 -5.08 -1.52 28.36
C ALA B 17 -4.17 -2.74 28.10
N TYR B 18 -3.95 -3.55 29.14
CA TYR B 18 -3.16 -4.78 29.01
C TYR B 18 -3.82 -5.76 28.07
N THR B 19 -5.15 -5.83 28.13
CA THR B 19 -5.93 -6.68 27.25
C THR B 19 -5.74 -6.20 25.82
N LEU B 20 -6.02 -4.92 25.62
CA LEU B 20 -5.95 -4.26 24.34
C LEU B 20 -4.64 -4.51 23.62
N ARG B 21 -3.53 -4.42 24.34
CA ARG B 21 -2.22 -4.73 23.75
C ARG B 21 -2.19 -6.13 23.14
N LEU B 22 -2.59 -7.14 23.91
CA LEU B 22 -2.63 -8.53 23.42
C LEU B 22 -3.53 -8.68 22.20
N GLY B 23 -4.68 -8.03 22.22
CA GLY B 23 -5.61 -8.07 21.11
C GLY B 23 -5.08 -7.34 19.89
N ASP B 24 -4.44 -6.19 20.15
CA ASP B 24 -3.81 -5.42 19.09
C ASP B 24 -2.71 -6.21 18.35
N ASN B 25 -1.89 -6.95 19.09
CA ASN B 25 -0.88 -7.75 18.45
C ASN B 25 -1.54 -8.66 17.44
N CYS B 26 -2.62 -9.29 17.85
CA CYS B 26 -3.32 -10.26 17.02
C CYS B 26 -3.96 -9.62 15.82
N LEU B 27 -4.70 -8.55 16.05
CA LEU B 27 -5.38 -7.84 14.97
C LEU B 27 -4.43 -7.33 13.89
N VAL B 28 -3.36 -6.65 14.31
CA VAL B 28 -2.42 -6.07 13.36
C VAL B 28 -1.67 -7.19 12.63
N LEU B 29 -1.11 -8.15 13.36
CA LEU B 29 -0.46 -9.30 12.71
C LEU B 29 -1.37 -9.98 11.70
N SER B 30 -2.63 -10.17 12.09
CA SER B 30 -3.67 -10.73 11.24
C SER B 30 -3.78 -10.04 9.88
N GLN B 31 -3.94 -8.71 9.90
CA GLN B 31 -3.99 -7.91 8.68
C GLN B 31 -2.83 -8.23 7.71
N ARG B 32 -1.62 -8.37 8.27
CA ARG B 32 -0.42 -8.67 7.48
C ARG B 32 -0.55 -9.95 6.68
N LEU B 33 -1.11 -10.98 7.31
CA LEU B 33 -1.23 -12.26 6.69
C LEU B 33 -2.34 -12.21 5.65
N GLY B 34 -3.37 -11.42 5.93
CA GLY B 34 -4.39 -11.14 4.94
C GLY B 34 -3.77 -10.79 3.61
N GLU B 35 -2.79 -9.90 3.62
CA GLU B 35 -2.15 -9.44 2.40
C GLU B 35 -1.51 -10.58 1.58
N TRP B 36 -1.22 -11.72 2.21
CA TRP B 36 -0.55 -12.82 1.51
C TRP B 36 -1.50 -13.70 0.75
N CYS B 37 -2.80 -13.48 0.94
CA CYS B 37 -3.79 -14.33 0.34
C CYS B 37 -3.79 -14.19 -1.19
N GLY B 38 -3.68 -15.34 -1.85
CA GLY B 38 -3.65 -15.44 -3.30
C GLY B 38 -2.26 -15.35 -3.87
N HIS B 39 -1.27 -15.07 -3.03
CA HIS B 39 0.09 -14.74 -3.52
C HIS B 39 1.21 -15.64 -2.99
N ALA B 40 0.86 -16.70 -2.28
CA ALA B 40 1.87 -17.57 -1.67
C ALA B 40 2.68 -18.35 -2.71
N PRO B 41 3.93 -18.77 -2.36
CA PRO B 41 4.73 -19.69 -3.21
C PRO B 41 4.00 -21.00 -3.65
N GLU B 42 3.16 -21.54 -2.76
CA GLU B 42 2.26 -22.63 -3.13
C GLU B 42 0.93 -22.46 -2.43
N LEU B 43 -0.04 -23.23 -2.90
CA LEU B 43 -1.37 -23.27 -2.34
C LEU B 43 -1.37 -23.76 -0.89
N GLU B 44 -0.43 -24.64 -0.55
CA GLU B 44 -0.38 -25.22 0.81
C GLU B 44 0.02 -24.17 1.81
N ILE B 45 0.81 -23.18 1.36
CA ILE B 45 1.27 -22.09 2.21
C ILE B 45 0.19 -21.02 2.32
N ASP B 46 -0.42 -20.71 1.18
CA ASP B 46 -1.61 -19.89 1.14
C ASP B 46 -2.61 -20.25 2.23
N LEU B 47 -3.01 -21.52 2.22
CA LEU B 47 -4.01 -22.05 3.14
C LEU B 47 -3.52 -22.03 4.59
N ALA B 48 -2.22 -22.25 4.77
CA ALA B 48 -1.61 -22.23 6.09
C ALA B 48 -1.69 -20.81 6.66
N LEU B 49 -1.30 -19.85 5.82
CA LEU B 49 -1.30 -18.44 6.18
C LEU B 49 -2.71 -17.93 6.45
N ALA B 50 -3.67 -18.40 5.66
CA ALA B 50 -5.05 -18.04 5.91
C ALA B 50 -5.45 -18.63 7.27
N ASN B 51 -5.16 -19.91 7.47
CA ASN B 51 -5.45 -20.57 8.71
C ASN B 51 -4.84 -19.85 9.94
N ILE B 52 -3.61 -19.36 9.82
CA ILE B 52 -2.98 -18.62 10.93
C ILE B 52 -3.65 -17.27 11.18
N GLY B 53 -3.78 -16.49 10.10
CA GLY B 53 -4.47 -15.21 10.15
C GLY B 53 -5.84 -15.34 10.78
N LEU B 54 -6.56 -16.42 10.45
CA LEU B 54 -7.88 -16.65 11.02
C LEU B 54 -7.87 -16.87 12.52
N ASP B 55 -6.96 -17.73 13.00
CA ASP B 55 -6.72 -17.95 14.45
C ASP B 55 -6.46 -16.64 15.20
N LEU B 56 -5.50 -15.87 14.67
CA LEU B 56 -5.11 -14.58 15.24
C LEU B 56 -6.26 -13.58 15.29
N LEU B 57 -7.05 -13.52 14.22
CA LEU B 57 -8.25 -12.67 14.21
C LEU B 57 -9.27 -13.10 15.26
N GLY B 58 -9.44 -14.41 15.40
CA GLY B 58 -10.27 -14.97 16.47
C GLY B 58 -9.76 -14.53 17.83
N GLN B 59 -8.45 -14.69 18.06
CA GLN B 59 -7.80 -14.25 19.29
C GLN B 59 -8.02 -12.75 19.52
N ALA B 60 -7.78 -11.95 18.47
CA ALA B 60 -8.06 -10.50 18.48
C ALA B 60 -9.49 -10.19 18.88
N ARG B 61 -10.42 -10.88 18.24
CA ARG B 61 -11.84 -10.72 18.52
C ARG B 61 -12.18 -10.99 19.97
N ASN B 62 -11.54 -12.01 20.54
CA ASN B 62 -11.74 -12.37 21.95
C ASN B 62 -11.19 -11.30 22.91
N PHE B 63 -9.93 -10.93 22.71
CA PHE B 63 -9.30 -9.94 23.57
C PHE B 63 -10.00 -8.59 23.47
N LEU B 64 -10.37 -8.23 22.25
CA LEU B 64 -11.04 -6.97 22.00
C LEU B 64 -12.38 -6.88 22.72
N SER B 65 -13.17 -7.95 22.60
CA SER B 65 -14.46 -8.03 23.29
C SER B 65 -14.32 -7.96 24.81
N TYR B 66 -13.24 -8.49 25.36
CA TYR B 66 -13.01 -8.42 26.79
C TYR B 66 -12.71 -6.99 27.24
N ALA B 67 -11.91 -6.28 26.44
CA ALA B 67 -11.55 -4.89 26.72
C ALA B 67 -12.77 -3.97 26.71
N ALA B 68 -13.60 -4.15 25.70
CA ALA B 68 -14.87 -3.43 25.55
C ALA B 68 -15.75 -3.68 26.75
N GLU B 69 -15.81 -4.94 27.14
CA GLU B 69 -16.54 -5.39 28.32
C GLU B 69 -16.01 -4.70 29.59
N LEU B 70 -14.68 -4.74 29.75
CA LEU B 70 -14.01 -4.05 30.86
C LEU B 70 -14.30 -2.55 30.91
N ALA B 71 -14.30 -1.90 29.75
CA ALA B 71 -14.60 -0.47 29.66
C ALA B 71 -16.11 -0.18 29.74
N GLY B 72 -16.93 -1.15 29.35
CA GLY B 72 -18.37 -1.02 29.45
C GLY B 72 -19.00 -0.10 28.41
N GLU B 73 -18.24 0.24 27.37
CA GLU B 73 -18.80 0.89 26.19
C GLU B 73 -18.11 0.35 24.93
N GLY B 74 -18.84 0.34 23.82
CA GLY B 74 -18.31 -0.17 22.57
C GLY B 74 -18.08 -1.67 22.57
N ASP B 75 -17.47 -2.15 21.49
CA ASP B 75 -17.26 -3.58 21.26
C ASP B 75 -16.03 -3.79 20.38
N GLU B 76 -15.75 -5.05 20.05
CA GLU B 76 -14.64 -5.41 19.15
C GLU B 76 -14.53 -4.51 17.93
N ASP B 77 -15.66 -4.06 17.39
CA ASP B 77 -15.65 -3.31 16.13
C ASP B 77 -15.26 -1.85 16.32
N THR B 78 -15.80 -1.22 17.37
CA THR B 78 -15.45 0.17 17.65
C THR B 78 -13.97 0.25 17.99
N LEU B 79 -13.47 -0.74 18.72
CA LEU B 79 -12.06 -0.74 19.12
C LEU B 79 -11.08 -0.93 17.96
N ALA B 80 -11.52 -1.60 16.91
CA ALA B 80 -10.64 -1.89 15.77
C ALA B 80 -10.73 -0.85 14.68
N PHE B 81 -11.90 -0.26 14.54
CA PHE B 81 -12.15 0.58 13.40
C PHE B 81 -12.15 2.06 13.72
N THR B 82 -12.41 2.42 14.98
CA THR B 82 -12.52 3.82 15.39
C THR B 82 -11.40 4.32 16.30
N ARG B 83 -10.27 3.64 16.33
CA ARG B 83 -9.11 4.16 17.03
C ARG B 83 -8.08 4.56 15.99
N ASP B 84 -7.29 5.60 16.28
CA ASP B 84 -6.23 5.99 15.35
C ASP B 84 -4.88 5.45 15.78
N GLU B 85 -3.87 5.67 14.95
CA GLU B 85 -2.60 5.02 15.17
C GLU B 85 -1.96 5.33 16.50
N ARG B 86 -2.31 6.47 17.11
CA ARG B 86 -1.69 6.92 18.37
C ARG B 86 -2.18 6.13 19.58
N GLN B 87 -3.32 5.47 19.38
CA GLN B 87 -3.99 4.73 20.44
C GLN B 87 -3.84 3.22 20.30
N PHE B 88 -3.49 2.76 19.10
CA PHE B 88 -3.17 1.35 18.93
C PHE B 88 -1.98 1.00 19.80
N SER B 89 -1.87 -0.26 20.18
CA SER B 89 -0.84 -0.64 21.12
C SER B 89 -0.27 -2.01 20.82
N ASN B 90 -0.25 -2.37 19.54
CA ASN B 90 0.38 -3.60 19.11
C ASN B 90 1.87 -3.47 19.23
N LEU B 91 2.57 -4.59 19.33
CA LEU B 91 4.02 -4.53 19.36
C LEU B 91 4.51 -4.01 18.03
N LEU B 92 5.73 -3.47 18.01
CA LEU B 92 6.30 -2.97 16.77
C LEU B 92 6.58 -4.09 15.80
N LEU B 93 6.94 -5.25 16.33
CA LEU B 93 7.24 -6.43 15.52
C LEU B 93 6.17 -6.83 14.50
N VAL B 94 4.89 -6.72 14.87
CA VAL B 94 3.81 -7.21 14.01
C VAL B 94 3.46 -6.22 12.90
N GLU B 95 3.75 -4.93 13.08
CA GLU B 95 3.36 -3.95 12.07
C GLU B 95 4.33 -3.85 10.91
N GLN B 96 5.49 -4.50 11.02
CA GLN B 96 6.48 -4.51 9.95
C GLN B 96 5.89 -5.07 8.65
N PRO B 97 6.46 -4.67 7.48
CA PRO B 97 5.89 -5.11 6.19
C PRO B 97 6.21 -6.58 5.91
N ASN B 98 5.35 -7.26 5.17
CA ASN B 98 5.54 -8.66 4.83
C ASN B 98 6.90 -8.98 4.21
N GLY B 99 7.37 -8.11 3.33
CA GLY B 99 8.61 -8.35 2.58
C GLY B 99 8.48 -9.60 1.73
N ASN B 100 9.59 -10.27 1.44
CA ASN B 100 9.51 -11.60 0.81
C ASN B 100 9.11 -12.65 1.83
N PHE B 101 9.15 -13.92 1.43
CA PHE B 101 8.60 -14.97 2.26
C PHE B 101 9.39 -15.18 3.54
N ALA B 102 10.69 -14.89 3.49
CA ALA B 102 11.52 -14.99 4.67
C ALA B 102 11.12 -13.94 5.69
N ASP B 103 10.99 -12.69 5.22
CA ASP B 103 10.59 -11.58 6.09
C ASP B 103 9.28 -11.88 6.80
N THR B 104 8.40 -12.60 6.12
CA THR B 104 7.15 -13.03 6.74
C THR B 104 7.39 -14.14 7.76
N ILE B 105 8.16 -15.15 7.37
CA ILE B 105 8.46 -16.27 8.25
C ILE B 105 9.20 -15.82 9.52
N ALA B 106 10.29 -15.07 9.35
CA ALA B 106 11.09 -14.56 10.46
C ALA B 106 10.25 -13.82 11.49
N ARG B 107 9.36 -12.95 11.03
CA ARG B 107 8.50 -12.19 11.92
C ARG B 107 7.60 -13.16 12.65
N GLN B 108 6.95 -14.03 11.88
CA GLN B 108 6.00 -15.01 12.41
C GLN B 108 6.66 -15.84 13.51
N TYR B 109 7.84 -16.38 13.21
CA TYR B 109 8.61 -17.17 14.16
C TYR B 109 8.95 -16.45 15.47
N PHE B 110 9.48 -15.23 15.41
CA PHE B 110 9.73 -14.51 16.66
C PHE B 110 8.42 -14.29 17.41
N ILE B 111 7.34 -14.11 16.66
CA ILE B 111 6.03 -13.86 17.27
C ILE B 111 5.42 -15.10 17.90
N ASP B 112 5.64 -16.26 17.27
CA ASP B 112 5.03 -17.51 17.76
C ASP B 112 5.69 -18.01 19.01
N ALA B 113 7.03 -18.02 18.98
CA ALA B 113 7.83 -18.38 20.13
C ALA B 113 7.39 -17.60 21.36
N TRP B 114 7.10 -16.31 21.15
CA TRP B 114 6.67 -15.43 22.22
C TRP B 114 5.21 -15.67 22.66
N HIS B 115 4.35 -16.05 21.70
CA HIS B 115 2.96 -16.39 22.00
C HIS B 115 2.85 -17.69 22.77
N VAL B 116 3.67 -18.66 22.37
CA VAL B 116 3.80 -19.95 23.08
C VAL B 116 4.34 -19.77 24.52
N ALA B 117 5.32 -18.87 24.68
CA ALA B 117 5.80 -18.53 26.00
C ALA B 117 4.76 -17.73 26.77
N LEU B 118 4.16 -16.74 26.14
CA LEU B 118 3.16 -15.93 26.83
C LEU B 118 1.96 -16.75 27.32
N PHE B 119 1.21 -17.34 26.39
CA PHE B 119 -0.04 -18.03 26.74
C PHE B 119 0.13 -19.18 27.74
N THR B 120 1.22 -19.95 27.61
CA THR B 120 1.59 -20.94 28.62
C THR B 120 1.43 -20.32 29.99
N ARG B 121 2.29 -19.35 30.30
CA ARG B 121 2.28 -18.66 31.59
C ARG B 121 0.97 -17.94 31.89
N LEU B 122 0.32 -17.43 30.83
CA LEU B 122 -0.88 -16.60 30.97
C LEU B 122 -2.21 -17.35 31.27
N MET B 123 -2.35 -18.59 30.79
CA MET B 123 -3.50 -19.39 31.23
C MET B 123 -3.48 -19.57 32.75
N GLU B 124 -2.29 -19.44 33.36
CA GLU B 124 -2.12 -19.48 34.82
C GLU B 124 -2.51 -18.17 35.53
N SER B 125 -3.03 -17.19 34.78
CA SER B 125 -3.43 -15.87 35.31
C SER B 125 -4.45 -15.94 36.47
N ARG B 126 -4.45 -14.93 37.33
CA ARG B 126 -5.52 -14.75 38.34
C ARG B 126 -6.68 -13.89 37.80
N ASP B 127 -6.64 -13.55 36.51
CA ASP B 127 -7.82 -13.06 35.81
C ASP B 127 -8.47 -14.22 35.04
N PRO B 128 -9.72 -14.55 35.39
CA PRO B 128 -10.45 -15.63 34.74
C PRO B 128 -10.37 -15.56 33.21
N GLN B 129 -10.84 -14.46 32.63
CA GLN B 129 -11.00 -14.36 31.17
C GLN B 129 -9.68 -14.28 30.40
N LEU B 130 -8.66 -13.64 30.99
CA LEU B 130 -7.34 -13.66 30.36
C LEU B 130 -6.78 -15.07 30.30
N ALA B 131 -6.94 -15.79 31.41
CA ALA B 131 -6.57 -17.19 31.50
C ALA B 131 -7.47 -18.03 30.57
N ALA B 132 -8.77 -17.72 30.57
CA ALA B 132 -9.74 -18.42 29.70
C ALA B 132 -9.45 -18.30 28.21
N ILE B 133 -8.92 -17.14 27.81
CA ILE B 133 -8.65 -16.82 26.41
C ILE B 133 -7.29 -17.39 25.97
N SER B 134 -6.33 -17.32 26.88
CA SER B 134 -4.98 -17.83 26.64
C SER B 134 -5.01 -19.34 26.55
N ALA B 135 -5.96 -19.94 27.27
CA ALA B 135 -6.14 -21.39 27.24
C ALA B 135 -6.55 -21.83 25.84
N LYS B 136 -7.56 -21.17 25.27
CA LYS B 136 -7.94 -21.42 23.88
C LYS B 136 -6.82 -21.08 22.92
N ALA B 137 -6.04 -20.03 23.24
CA ALA B 137 -5.03 -19.48 22.34
C ALA B 137 -3.74 -20.29 22.23
N ILE B 138 -3.32 -20.88 23.35
CA ILE B 138 -2.09 -21.66 23.38
C ILE B 138 -2.17 -22.87 22.46
N LYS B 139 -3.39 -23.33 22.22
CA LYS B 139 -3.64 -24.48 21.36
C LYS B 139 -3.24 -24.16 19.93
N GLU B 140 -3.55 -22.93 19.49
CA GLU B 140 -3.21 -22.50 18.13
C GLU B 140 -1.74 -22.07 18.03
N ALA B 141 -1.27 -21.30 19.00
CA ALA B 141 0.13 -20.86 19.01
C ALA B 141 1.15 -21.98 18.69
N ARG B 142 0.96 -23.16 19.27
CA ARG B 142 1.91 -24.24 19.04
C ARG B 142 1.86 -24.70 17.59
N TYR B 143 0.67 -24.70 16.99
CA TYR B 143 0.54 -25.09 15.57
C TYR B 143 1.19 -24.06 14.67
N HIS B 144 1.11 -22.79 15.06
CA HIS B 144 1.75 -21.69 14.35
C HIS B 144 3.26 -21.87 14.42
N LEU B 145 3.75 -22.06 15.65
CA LEU B 145 5.16 -22.28 15.91
C LEU B 145 5.74 -23.49 15.19
N ARG B 146 4.96 -24.57 15.07
CA ARG B 146 5.40 -25.72 14.27
C ARG B 146 5.61 -25.30 12.83
N PHE B 147 4.64 -24.52 12.30
CA PHE B 147 4.65 -24.07 10.91
C PHE B 147 5.86 -23.18 10.62
N SER B 148 6.01 -22.13 11.44
CA SER B 148 7.06 -21.11 11.29
C SER B 148 8.45 -21.64 11.60
N ARG B 149 8.60 -22.39 12.70
CA ARG B 149 9.86 -23.09 13.00
C ARG B 149 10.22 -24.01 11.86
N GLY B 150 9.20 -24.61 11.27
CA GLY B 150 9.36 -25.50 10.12
C GLY B 150 10.05 -24.81 8.97
N TRP B 151 9.43 -23.75 8.47
CA TRP B 151 10.00 -23.04 7.34
C TRP B 151 11.32 -22.38 7.64
N LEU B 152 11.47 -21.88 8.87
CA LEU B 152 12.72 -21.23 9.28
C LEU B 152 13.92 -22.13 8.96
N GLU B 153 13.77 -23.41 9.27
CA GLU B 153 14.81 -24.39 9.01
C GLU B 153 14.82 -24.87 7.57
N ARG B 154 13.64 -24.97 6.95
CA ARG B 154 13.56 -25.30 5.53
C ARG B 154 14.31 -24.27 4.68
N LEU B 155 14.19 -22.99 5.01
CA LEU B 155 14.87 -21.92 4.28
C LEU B 155 16.31 -21.72 4.77
N GLY B 156 16.50 -21.74 6.09
CA GLY B 156 17.82 -21.62 6.70
C GLY B 156 18.77 -22.72 6.25
N ASN B 157 18.25 -23.94 6.15
CA ASN B 157 19.01 -25.11 5.71
C ASN B 157 18.66 -25.53 4.27
N GLY B 158 18.22 -24.58 3.46
CA GLY B 158 17.82 -24.87 2.08
C GLY B 158 18.95 -24.76 1.09
N THR B 159 18.82 -23.81 0.16
CA THR B 159 19.86 -23.54 -0.82
C THR B 159 20.76 -22.46 -0.26
N ASP B 160 21.77 -22.08 -1.04
CA ASP B 160 22.58 -20.90 -0.75
C ASP B 160 21.69 -19.67 -0.73
N VAL B 161 20.96 -19.46 -1.82
CA VAL B 161 20.08 -18.28 -2.01
C VAL B 161 19.03 -18.10 -0.90
N SER B 162 18.37 -19.18 -0.50
CA SER B 162 17.36 -19.14 0.56
C SER B 162 17.95 -18.86 1.95
N GLY B 163 19.13 -19.41 2.23
CA GLY B 163 19.79 -19.21 3.50
C GLY B 163 20.24 -17.77 3.72
N GLN B 164 20.82 -17.17 2.68
CA GLN B 164 21.21 -15.77 2.76
C GLN B 164 19.97 -14.93 3.05
N LYS B 165 18.92 -15.15 2.25
CA LYS B 165 17.62 -14.48 2.40
C LYS B 165 17.03 -14.62 3.79
N MET B 166 17.03 -15.83 4.33
CA MET B 166 16.51 -16.09 5.66
C MET B 166 17.37 -15.45 6.75
N GLN B 167 18.67 -15.35 6.49
CA GLN B 167 19.57 -14.70 7.42
C GLN B 167 19.25 -13.22 7.49
N GLN B 168 19.11 -12.60 6.32
CA GLN B 168 18.91 -11.16 6.27
C GLN B 168 17.54 -10.74 6.79
N ALA B 169 16.57 -11.65 6.72
CA ALA B 169 15.22 -11.40 7.28
C ALA B 169 15.30 -11.36 8.80
N ILE B 170 15.97 -12.36 9.36
CA ILE B 170 16.28 -12.42 10.79
C ILE B 170 17.01 -11.17 11.31
N ASN B 171 17.98 -10.68 10.55
CA ASN B 171 18.71 -9.46 10.88
C ASN B 171 17.89 -8.18 10.83
N LYS B 172 17.11 -8.01 9.76
CA LYS B 172 16.31 -6.81 9.51
C LYS B 172 15.32 -6.58 10.65
N LEU B 173 14.78 -7.67 11.18
CA LEU B 173 13.72 -7.62 12.18
C LEU B 173 14.21 -7.62 13.62
N TRP B 174 15.45 -8.06 13.81
CA TRP B 174 15.94 -8.32 15.16
C TRP B 174 15.75 -7.21 16.18
N ARG B 175 15.94 -5.96 15.76
CA ARG B 175 15.99 -4.82 16.69
C ARG B 175 14.66 -4.56 17.39
N PHE B 176 13.60 -5.20 16.88
CA PHE B 176 12.26 -5.02 17.40
C PHE B 176 11.92 -6.04 18.48
N THR B 177 12.79 -7.03 18.66
CA THR B 177 12.57 -8.06 19.67
C THR B 177 12.68 -7.50 21.09
N ALA B 178 13.47 -6.45 21.27
CA ALA B 178 13.62 -5.80 22.58
C ALA B 178 12.28 -5.55 23.28
N GLU B 179 11.26 -5.24 22.47
CA GLU B 179 9.95 -4.88 22.98
C GLU B 179 9.22 -6.05 23.59
N LEU B 180 9.57 -7.27 23.17
CA LEU B 180 8.96 -8.49 23.70
C LEU B 180 9.21 -8.70 25.20
N PHE B 181 10.26 -8.07 25.72
CA PHE B 181 10.70 -8.33 27.08
C PHE B 181 10.69 -7.06 27.89
N ASP B 182 10.27 -5.97 27.24
CA ASP B 182 10.17 -4.66 27.88
C ASP B 182 8.95 -4.64 28.83
N ALA B 183 9.21 -4.33 30.10
CA ALA B 183 8.17 -4.33 31.12
C ALA B 183 7.90 -2.93 31.60
N ASP B 184 6.80 -2.31 31.19
CA ASP B 184 6.50 -0.96 31.66
C ASP B 184 5.69 -0.94 32.97
N GLU B 185 5.06 0.21 33.28
CA GLU B 185 4.36 0.35 34.57
C GLU B 185 3.14 -0.56 34.69
N ILE B 186 2.46 -0.77 33.56
CA ILE B 186 1.25 -1.57 33.51
C ILE B 186 1.55 -3.07 33.65
N ASP B 187 2.56 -3.56 32.92
CA ASP B 187 3.01 -4.95 33.07
C ASP B 187 3.32 -5.25 34.54
N ILE B 188 4.08 -4.36 35.17
CA ILE B 188 4.59 -4.51 36.54
C ILE B 188 3.49 -4.52 37.59
N ALA B 189 2.61 -3.53 37.53
CA ALA B 189 1.50 -3.43 38.48
C ALA B 189 0.55 -4.61 38.40
N LEU B 190 0.45 -5.22 37.23
CA LEU B 190 -0.49 -6.32 37.04
C LEU B 190 0.19 -7.66 37.23
N SER B 191 1.50 -7.70 36.99
CA SER B 191 2.26 -8.91 37.20
C SER B 191 2.56 -9.12 38.68
N GLU B 192 2.40 -8.07 39.49
CA GLU B 192 2.51 -8.16 40.94
C GLU B 192 1.19 -8.58 41.56
N GLU B 193 0.22 -8.90 40.73
CA GLU B 193 -1.03 -9.46 41.18
C GLU B 193 -1.29 -10.76 40.42
N GLY B 194 -0.27 -11.25 39.71
CA GLY B 194 -0.36 -12.50 38.94
C GLY B 194 -1.41 -12.53 37.83
N ILE B 195 -1.95 -11.35 37.53
CA ILE B 195 -2.88 -11.10 36.44
C ILE B 195 -2.09 -11.09 35.13
N ALA B 196 -1.10 -10.21 35.04
CA ALA B 196 -0.30 -10.10 33.84
C ALA B 196 0.91 -10.99 33.97
N VAL B 197 1.50 -11.32 32.84
CA VAL B 197 2.82 -11.94 32.81
C VAL B 197 3.81 -10.79 32.65
N ASP B 198 4.85 -10.77 33.49
CA ASP B 198 5.93 -9.79 33.33
C ASP B 198 6.78 -10.22 32.14
N PRO B 199 7.01 -9.33 31.17
CA PRO B 199 7.69 -9.76 29.95
C PRO B 199 9.20 -10.09 30.09
N ARG B 200 9.87 -9.55 31.11
CA ARG B 200 11.31 -9.84 31.34
C ARG B 200 11.54 -11.31 31.63
N THR B 201 10.59 -11.93 32.32
CA THR B 201 10.60 -13.36 32.64
C THR B 201 10.48 -14.27 31.40
N LEU B 202 9.75 -13.80 30.39
CA LEU B 202 9.59 -14.57 29.15
C LEU B 202 10.87 -14.68 28.36
N ARG B 203 11.84 -13.83 28.65
CA ARG B 203 13.08 -13.80 27.87
C ARG B 203 13.72 -15.18 27.71
N ALA B 204 13.86 -15.92 28.83
CA ALA B 204 14.60 -17.19 28.83
C ALA B 204 13.94 -18.30 28.01
N ALA B 205 12.62 -18.44 28.16
CA ALA B 205 11.78 -19.31 27.31
C ALA B 205 11.95 -19.01 25.80
N TRP B 206 11.77 -17.73 25.46
CA TRP B 206 11.93 -17.22 24.09
C TRP B 206 13.33 -17.49 23.54
N GLU B 207 14.35 -17.05 24.26
CA GLU B 207 15.73 -17.14 23.78
C GLU B 207 16.13 -18.59 23.56
N ALA B 208 15.77 -19.46 24.51
CA ALA B 208 16.08 -20.89 24.47
C ALA B 208 15.46 -21.58 23.26
N GLU B 209 14.25 -21.16 22.88
CA GLU B 209 13.56 -21.67 21.69
C GLU B 209 14.12 -21.10 20.38
N VAL B 210 14.38 -19.79 20.37
CA VAL B 210 14.78 -19.05 19.15
C VAL B 210 16.28 -19.14 18.79
N PHE B 211 17.17 -19.13 19.79
CA PHE B 211 18.61 -19.28 19.54
C PHE B 211 18.88 -20.64 18.94
N ALA B 212 18.28 -21.65 19.57
CA ALA B 212 18.41 -23.05 19.16
C ALA B 212 17.79 -23.27 17.78
N GLY B 213 16.60 -22.70 17.56
CA GLY B 213 15.93 -22.76 16.26
C GLY B 213 16.79 -22.19 15.14
N ILE B 214 17.41 -21.05 15.40
CA ILE B 214 18.26 -20.38 14.40
C ILE B 214 19.56 -21.13 14.17
N ASN B 215 20.28 -21.42 15.28
CA ASN B 215 21.49 -22.23 15.24
C ASN B 215 21.25 -23.56 14.47
N GLU B 216 20.14 -24.23 14.77
CA GLU B 216 19.81 -25.51 14.14
C GLU B 216 19.54 -25.41 12.64
N ALA B 217 19.33 -24.19 12.13
CA ALA B 217 19.17 -23.94 10.70
C ALA B 217 20.49 -23.55 10.02
N THR B 218 21.60 -23.59 10.76
CA THR B 218 22.94 -23.06 10.37
C THR B 218 22.91 -21.60 9.93
N LEU B 219 22.17 -20.81 10.71
CA LEU B 219 22.22 -19.35 10.65
C LEU B 219 22.76 -18.88 12.00
N ASN B 220 23.14 -17.62 12.08
CA ASN B 220 23.66 -17.08 13.32
C ASN B 220 22.65 -16.12 13.93
N VAL B 221 22.48 -16.22 15.24
CA VAL B 221 21.75 -15.22 16.03
C VAL B 221 22.39 -13.84 15.79
N PRO B 222 21.57 -12.81 15.47
CA PRO B 222 22.15 -11.48 15.28
C PRO B 222 22.97 -11.02 16.48
N GLN B 223 23.96 -10.17 16.22
CA GLN B 223 24.85 -9.69 17.28
C GLN B 223 24.59 -8.27 17.74
N GLU B 224 23.76 -7.54 16.99
CA GLU B 224 23.23 -6.24 17.41
C GLU B 224 22.36 -6.41 18.65
N GLN B 225 22.54 -5.53 19.63
CA GLN B 225 21.70 -5.49 20.82
C GLN B 225 20.38 -4.81 20.49
N ALA B 226 19.29 -5.59 20.49
CA ALA B 226 17.96 -5.10 20.12
C ALA B 226 17.47 -3.97 21.03
N TYR B 227 16.89 -2.93 20.44
CA TYR B 227 16.75 -1.65 21.12
C TYR B 227 15.48 -0.88 20.82
N ARG B 228 14.68 -1.34 19.85
CA ARG B 228 13.49 -0.60 19.47
C ARG B 228 12.30 -1.02 20.33
N THR B 229 11.65 -0.06 20.98
CA THR B 229 10.41 -0.31 21.72
C THR B 229 9.47 0.86 21.48
N GLY B 230 8.20 0.74 21.82
CA GLY B 230 7.32 1.90 21.70
C GLY B 230 5.88 1.67 21.32
N GLY B 231 5.63 0.63 20.52
CA GLY B 231 4.30 0.23 20.11
C GLY B 231 3.24 0.31 21.19
N LYS B 232 3.55 -0.24 22.35
CA LYS B 232 2.62 -0.35 23.49
C LYS B 232 2.05 0.97 23.99
N LYS B 233 2.86 2.04 24.01
CA LYS B 233 2.34 3.39 24.35
C LYS B 233 1.87 4.20 23.13
N GLY B 234 1.66 3.54 22.00
CA GLY B 234 1.10 4.19 20.82
C GLY B 234 2.10 4.94 19.94
N LEU B 235 3.38 4.79 20.23
CA LEU B 235 4.45 5.32 19.40
C LEU B 235 4.88 4.28 18.37
N HIS B 236 4.28 4.31 17.19
CA HIS B 236 4.53 3.27 16.20
C HIS B 236 5.61 3.67 15.21
N THR B 237 6.02 2.70 14.39
CA THR B 237 6.77 2.97 13.18
C THR B 237 5.88 3.68 12.16
N GLU B 238 6.43 4.01 11.00
CA GLU B 238 5.67 4.72 9.98
C GLU B 238 4.76 3.82 9.17
N HIS B 239 4.80 2.52 9.47
CA HIS B 239 4.01 1.51 8.74
C HIS B 239 2.55 1.36 9.15
N LEU B 240 2.24 1.65 10.42
CA LEU B 240 0.90 1.41 10.93
C LEU B 240 -0.16 2.29 10.32
N GLY B 241 0.11 3.60 10.26
CA GLY B 241 -0.83 4.57 9.68
C GLY B 241 -1.52 4.19 8.38
N PRO B 242 -0.76 3.81 7.34
CA PRO B 242 -1.41 3.39 6.10
C PRO B 242 -2.08 2.01 6.18
N MET B 243 -1.63 1.16 7.10
CA MET B 243 -2.33 -0.07 7.38
C MET B 243 -3.75 0.23 7.85
N LEU B 244 -3.85 1.12 8.84
CA LEU B 244 -5.14 1.45 9.43
C LEU B 244 -5.99 2.20 8.46
N ALA B 245 -5.32 3.00 7.62
CA ALA B 245 -6.00 3.79 6.61
C ALA B 245 -6.76 2.85 5.69
N GLU B 246 -6.12 1.71 5.38
CA GLU B 246 -6.74 0.66 4.59
C GLU B 246 -7.79 -0.11 5.39
N MET B 247 -7.46 -0.49 6.62
CA MET B 247 -8.37 -1.30 7.40
C MET B 247 -9.71 -0.62 7.74
N GLN B 248 -9.67 0.68 8.00
CA GLN B 248 -10.85 1.38 8.54
C GLN B 248 -11.69 2.16 7.52
N TYR B 249 -11.19 2.28 6.31
CA TYR B 249 -11.79 3.13 5.29
C TYR B 249 -13.31 3.06 5.30
N LEU B 250 -13.85 1.89 5.00
CA LEU B 250 -15.28 1.73 4.88
C LEU B 250 -16.03 2.23 6.14
N GLN B 251 -15.57 1.78 7.31
CA GLN B 251 -16.13 2.26 8.59
C GLN B 251 -16.04 3.78 8.77
N ARG B 252 -14.92 4.38 8.37
CA ARG B 252 -14.81 5.83 8.45
C ARG B 252 -15.83 6.43 7.51
N VAL B 253 -15.89 5.95 6.27
CA VAL B 253 -16.85 6.48 5.30
C VAL B 253 -18.31 6.35 5.78
N LEU B 254 -18.68 5.19 6.34
CA LEU B 254 -20.07 4.94 6.73
C LEU B 254 -20.18 4.48 8.19
N PRO B 255 -20.02 5.40 9.15
CA PRO B 255 -19.92 4.91 10.52
C PRO B 255 -21.25 4.44 11.13
N GLY B 256 -21.13 3.66 12.21
CA GLY B 256 -22.29 3.22 12.99
C GLY B 256 -23.36 2.45 12.22
N GLN B 257 -22.93 1.43 11.49
CA GLN B 257 -23.81 0.65 10.61
C GLN B 257 -23.68 -0.85 10.82
N GLN B 258 -24.78 -1.59 10.71
CA GLN B 258 -24.74 -3.04 10.87
C GLN B 258 -24.36 -3.68 9.55
N TRP B 259 -23.32 -4.49 9.58
CA TRP B 259 -22.80 -5.14 8.36
C TRP B 259 -23.06 -6.65 8.27
N THR C 4 53.26 33.88 6.88
CA THR C 4 52.27 34.89 6.44
C THR C 4 51.10 34.23 5.71
N GLN C 5 51.31 33.01 5.21
CA GLN C 5 50.22 32.23 4.64
C GLN C 5 49.12 32.12 5.70
N GLU C 6 49.43 31.44 6.81
CA GLU C 6 48.52 31.34 7.94
C GLU C 6 48.17 32.72 8.52
N GLU C 7 49.13 33.65 8.50
CA GLU C 7 48.96 34.98 9.10
C GLU C 7 47.98 35.91 8.38
N ARG C 8 47.96 35.86 7.04
CA ARG C 8 47.04 36.67 6.24
C ARG C 8 45.61 36.14 6.33
N PHE C 9 45.49 34.82 6.30
CA PHE C 9 44.22 34.14 6.54
C PHE C 9 43.61 34.65 7.85
N GLU C 10 44.37 34.57 8.94
CA GLU C 10 43.92 35.01 10.27
C GLU C 10 43.29 36.40 10.23
N GLN C 11 43.88 37.30 9.43
CA GLN C 11 43.37 38.65 9.29
C GLN C 11 42.09 38.74 8.46
N ARG C 12 42.04 38.05 7.35
CA ARG C 12 40.82 38.08 6.63
C ARG C 12 39.81 37.72 7.66
N ILE C 13 39.85 36.49 8.12
CA ILE C 13 38.80 36.03 8.96
C ILE C 13 38.41 37.00 9.99
N ALA C 14 39.28 37.94 10.28
CA ALA C 14 39.12 38.72 11.48
C ALA C 14 38.42 39.99 11.19
N GLN C 15 38.79 40.59 10.08
CA GLN C 15 38.23 41.83 9.68
C GLN C 15 37.03 41.45 8.93
N GLU C 16 36.99 40.18 8.61
CA GLU C 16 35.83 39.47 8.12
C GLU C 16 35.68 39.56 6.64
N THR C 17 36.71 39.21 5.92
CA THR C 17 36.60 39.17 4.49
C THR C 17 36.31 37.75 4.10
N ALA C 18 35.26 37.55 3.37
CA ALA C 18 34.87 36.21 3.07
C ALA C 18 35.94 35.47 2.37
N ILE C 19 36.08 34.20 2.71
CA ILE C 19 37.01 33.24 2.09
C ILE C 19 36.37 32.66 0.83
N GLU C 20 37.16 32.41 -0.20
CA GLU C 20 36.64 31.92 -1.48
C GLU C 20 37.37 30.66 -1.96
N PRO C 21 36.74 29.89 -2.88
CA PRO C 21 37.17 28.51 -3.19
C PRO C 21 38.66 28.30 -3.45
N GLN C 22 39.26 29.23 -4.21
CA GLN C 22 40.66 29.08 -4.64
C GLN C 22 41.63 29.99 -3.85
N ASP C 23 41.22 30.39 -2.64
CA ASP C 23 42.11 30.99 -1.65
C ASP C 23 42.94 29.90 -0.95
N TRP C 24 43.90 30.34 -0.13
CA TRP C 24 44.58 29.42 0.78
C TRP C 24 43.82 29.40 2.10
N MET C 25 43.73 28.21 2.69
CA MET C 25 43.06 27.99 3.97
C MET C 25 43.70 26.80 4.66
N PRO C 26 43.69 26.79 6.02
CA PRO C 26 44.25 25.66 6.77
C PRO C 26 43.60 24.34 6.35
N ASP C 27 44.39 23.27 6.33
CA ASP C 27 43.87 21.97 5.94
C ASP C 27 42.73 21.47 6.85
N ALA C 28 42.81 21.79 8.15
CA ALA C 28 41.76 21.45 9.12
C ALA C 28 40.48 22.29 8.94
N TYR C 29 40.63 23.51 8.44
CA TYR C 29 39.49 24.40 8.12
C TYR C 29 38.70 23.91 6.91
N ARG C 30 39.41 23.38 5.92
CA ARG C 30 38.79 22.78 4.76
C ARG C 30 38.03 21.50 5.16
N LYS C 31 38.71 20.62 5.92
CA LYS C 31 38.14 19.33 6.31
C LYS C 31 36.90 19.49 7.16
N THR C 32 36.91 20.46 8.07
CA THR C 32 35.77 20.71 8.95
C THR C 32 34.58 21.33 8.21
N LEU C 33 34.85 22.06 7.13
CA LEU C 33 33.78 22.66 6.34
C LEU C 33 33.11 21.68 5.36
N ILE C 34 33.89 20.75 4.83
CA ILE C 34 33.31 19.67 4.05
C ILE C 34 32.38 18.86 4.97
N ARG C 35 32.89 18.51 6.15
CA ARG C 35 32.10 17.86 7.17
C ARG C 35 30.80 18.61 7.45
N GLN C 36 30.86 19.90 7.82
CA GLN C 36 29.65 20.64 8.21
C GLN C 36 28.64 20.81 7.07
N ILE C 37 29.14 21.28 5.91
CA ILE C 37 28.31 21.55 4.73
C ILE C 37 27.77 20.27 4.10
N GLY C 38 28.60 19.22 4.10
CA GLY C 38 28.17 17.91 3.63
C GLY C 38 26.97 17.44 4.44
N GLN C 39 27.11 17.48 5.76
CA GLN C 39 26.05 17.00 6.65
C GLN C 39 24.81 17.86 6.57
N HIS C 40 24.99 19.12 6.22
CA HIS C 40 23.89 20.04 5.97
C HIS C 40 23.08 19.61 4.76
N ALA C 41 23.76 19.10 3.74
CA ALA C 41 23.09 18.61 2.54
C ALA C 41 22.40 17.27 2.80
N HIS C 42 23.09 16.41 3.54
CA HIS C 42 22.55 15.12 3.96
C HIS C 42 21.23 15.31 4.69
N SER C 43 21.20 16.28 5.60
CA SER C 43 19.98 16.63 6.29
C SER C 43 18.85 16.97 5.33
N GLU C 44 19.13 17.77 4.31
CA GLU C 44 18.11 18.21 3.38
C GLU C 44 17.50 17.03 2.62
N ILE C 45 18.34 16.06 2.29
CA ILE C 45 17.91 14.89 1.55
C ILE C 45 17.12 13.90 2.41
N VAL C 46 17.67 13.54 3.58
CA VAL C 46 16.96 12.67 4.51
C VAL C 46 15.61 13.28 4.95
N GLY C 47 15.63 14.59 5.27
CA GLY C 47 14.42 15.31 5.66
C GLY C 47 13.25 15.19 4.72
N MET C 48 13.49 14.72 3.51
CA MET C 48 12.42 14.49 2.56
C MET C 48 11.52 13.32 3.00
N LEU C 49 12.10 12.34 3.68
CA LEU C 49 11.40 11.10 3.99
C LEU C 49 10.23 11.26 4.99
N PRO C 50 10.47 11.88 6.17
CA PRO C 50 9.34 12.09 7.06
C PRO C 50 8.23 12.92 6.42
N GLU C 51 8.61 13.92 5.63
CA GLU C 51 7.63 14.76 4.94
C GLU C 51 6.97 14.06 3.76
N GLY C 52 7.74 13.26 3.05
CA GLY C 52 7.21 12.48 1.95
C GLY C 52 6.14 11.55 2.47
N ASN C 53 6.38 11.00 3.65
CA ASN C 53 5.46 10.07 4.27
C ASN C 53 3.98 10.53 4.29
N TRP C 54 3.75 11.84 4.23
CA TRP C 54 2.40 12.35 4.38
C TRP C 54 1.79 13.01 3.14
N ILE C 55 2.54 12.99 2.04
CA ILE C 55 2.11 13.58 0.79
C ILE C 55 0.81 12.94 0.34
N THR C 56 0.83 11.62 0.20
CA THR C 56 -0.34 10.92 -0.33
C THR C 56 -1.55 11.03 0.61
N ARG C 57 -1.28 11.33 1.88
CA ARG C 57 -2.32 11.41 2.91
C ARG C 57 -2.79 12.80 3.34
N ALA C 58 -2.16 13.87 2.84
CA ALA C 58 -2.46 15.25 3.29
C ALA C 58 -3.94 15.61 3.13
N PRO C 59 -4.51 16.31 4.12
CA PRO C 59 -5.96 16.52 4.22
C PRO C 59 -6.62 17.34 3.15
N THR C 60 -5.92 18.31 2.56
CA THR C 60 -6.54 19.12 1.52
C THR C 60 -5.60 19.26 0.35
N LEU C 61 -6.17 19.45 -0.85
CA LEU C 61 -5.37 19.64 -2.05
C LEU C 61 -4.42 20.82 -1.91
N ARG C 62 -4.87 21.89 -1.26
CA ARG C 62 -4.03 23.04 -0.95
C ARG C 62 -2.82 22.69 -0.07
N ARG C 63 -3.09 22.02 1.06
CA ARG C 63 -2.02 21.63 1.97
C ARG C 63 -1.07 20.66 1.33
N LYS C 64 -1.62 19.83 0.45
CA LYS C 64 -0.88 18.80 -0.25
C LYS C 64 0.09 19.46 -1.22
N ALA C 65 -0.42 20.42 -1.99
CA ALA C 65 0.39 21.19 -2.95
C ALA C 65 1.55 21.91 -2.27
N ILE C 66 1.28 22.56 -1.14
CA ILE C 66 2.30 23.18 -0.31
C ILE C 66 3.37 22.17 0.12
N LEU C 67 2.95 20.99 0.53
CA LEU C 67 3.88 19.99 1.00
C LEU C 67 4.76 19.49 -0.15
N LEU C 68 4.17 19.33 -1.33
CA LEU C 68 4.95 18.95 -2.52
C LEU C 68 5.94 20.05 -2.90
N ALA C 69 5.50 21.31 -2.81
CA ALA C 69 6.38 22.45 -3.00
C ALA C 69 7.57 22.33 -2.06
N LYS C 70 7.28 22.15 -0.78
CA LYS C 70 8.31 22.11 0.25
C LYS C 70 9.35 21.03 -0.04
N VAL C 71 8.89 19.85 -0.43
CA VAL C 71 9.81 18.74 -0.63
C VAL C 71 10.63 18.92 -1.91
N GLN C 72 10.03 19.57 -2.91
CA GLN C 72 10.78 19.97 -4.12
C GLN C 72 11.89 20.96 -3.75
N ASP C 73 11.58 21.91 -2.86
CA ASP C 73 12.54 22.91 -2.43
C ASP C 73 13.65 22.36 -1.55
N GLU C 74 13.38 21.24 -0.85
CA GLU C 74 14.40 20.57 -0.03
C GLU C 74 15.42 19.85 -0.88
N ALA C 75 14.96 19.13 -1.88
CA ALA C 75 15.87 18.51 -2.84
C ALA C 75 16.77 19.57 -3.43
N GLY C 76 16.16 20.67 -3.88
CA GLY C 76 16.90 21.79 -4.46
C GLY C 76 17.97 22.35 -3.54
N HIS C 77 17.61 22.55 -2.28
CA HIS C 77 18.58 23.03 -1.28
C HIS C 77 19.68 22.02 -0.99
N GLY C 78 19.39 20.74 -1.16
CA GLY C 78 20.41 19.71 -1.03
C GLY C 78 21.46 19.88 -2.11
N LEU C 79 21.01 20.01 -3.35
CA LEU C 79 21.88 20.18 -4.49
C LEU C 79 22.73 21.45 -4.40
N TYR C 80 22.14 22.54 -3.94
CA TYR C 80 22.89 23.81 -3.76
C TYR C 80 24.00 23.55 -2.77
N LEU C 81 23.68 22.85 -1.69
CA LEU C 81 24.64 22.58 -0.63
C LEU C 81 25.75 21.62 -1.07
N TYR C 82 25.44 20.69 -1.96
CA TYR C 82 26.48 19.83 -2.51
C TYR C 82 27.44 20.60 -3.43
N SER C 83 26.89 21.52 -4.21
CA SER C 83 27.70 22.41 -5.04
C SER C 83 28.67 23.17 -4.15
N ALA C 84 28.15 23.89 -3.17
CA ALA C 84 29.02 24.58 -2.23
C ALA C 84 30.05 23.61 -1.63
N ALA C 85 29.61 22.40 -1.26
CA ALA C 85 30.51 21.38 -0.75
C ALA C 85 31.66 21.10 -1.71
N GLU C 86 31.32 20.85 -2.98
CA GLU C 86 32.31 20.47 -4.00
C GLU C 86 33.34 21.56 -4.30
N THR C 87 33.03 22.81 -3.99
CA THR C 87 33.98 23.92 -4.18
C THR C 87 35.21 23.82 -3.25
N LEU C 88 35.15 22.89 -2.30
CA LEU C 88 36.26 22.69 -1.36
C LEU C 88 37.06 21.44 -1.68
N GLY C 89 36.77 20.83 -2.82
CA GLY C 89 37.59 19.75 -3.33
C GLY C 89 37.02 18.36 -3.22
N CYS C 90 35.93 18.21 -2.48
CA CYS C 90 35.29 16.90 -2.33
C CYS C 90 34.42 16.55 -3.54
N ALA C 91 34.03 15.29 -3.61
CA ALA C 91 33.07 14.83 -4.59
C ALA C 91 31.70 14.59 -3.96
N ARG C 92 30.66 15.05 -4.64
CA ARG C 92 29.28 14.81 -4.22
C ARG C 92 29.04 13.32 -3.95
N GLU C 93 29.25 12.49 -4.96
CA GLU C 93 29.02 11.04 -4.84
C GLU C 93 29.85 10.35 -3.73
N ASP C 94 31.09 10.79 -3.56
CA ASP C 94 31.97 10.29 -2.49
C ASP C 94 31.37 10.48 -1.09
N ILE C 95 30.92 11.68 -0.77
CA ILE C 95 30.39 11.94 0.57
C ILE C 95 28.96 11.40 0.76
N TYR C 96 28.20 11.32 -0.33
CA TYR C 96 26.85 10.74 -0.30
C TYR C 96 26.92 9.26 0.10
N GLN C 97 27.92 8.56 -0.45
CA GLN C 97 28.22 7.18 -0.09
C GLN C 97 28.60 7.02 1.39
N LYS C 98 29.22 8.06 1.97
CA LYS C 98 29.60 8.05 3.37
C LYS C 98 28.36 8.17 4.23
N MET C 99 27.42 8.99 3.78
CA MET C 99 26.12 9.13 4.43
C MET C 99 25.36 7.80 4.53
N LEU C 100 25.23 7.11 3.40
CA LEU C 100 24.66 5.76 3.33
C LEU C 100 25.36 4.74 4.24
N ASP C 101 26.68 4.83 4.35
CA ASP C 101 27.44 3.94 5.22
C ASP C 101 27.33 4.31 6.70
N GLY C 102 26.90 5.54 6.98
CA GLY C 102 26.80 6.01 8.36
C GLY C 102 28.10 6.58 8.88
N ARG C 103 29.06 6.78 7.98
CA ARG C 103 30.34 7.41 8.33
C ARG C 103 30.22 8.93 8.42
N MET C 104 29.19 9.49 7.79
CA MET C 104 28.77 10.87 8.04
C MET C 104 27.36 10.93 8.60
N LYS C 105 27.08 12.01 9.33
CA LYS C 105 25.79 12.25 9.99
C LYS C 105 24.81 13.01 9.11
N TYR C 106 23.56 13.10 9.57
CA TYR C 106 22.57 14.07 9.10
C TYR C 106 21.75 14.47 10.35
N SER C 107 20.95 15.52 10.26
CA SER C 107 20.31 16.08 11.46
C SER C 107 19.57 15.03 12.28
N SER C 108 19.82 15.05 13.60
CA SER C 108 19.20 14.11 14.51
C SER C 108 17.69 14.08 14.34
N ILE C 109 17.10 15.23 13.98
CA ILE C 109 15.65 15.42 13.96
C ILE C 109 14.87 14.48 13.04
N PHE C 110 15.47 14.06 11.93
CA PHE C 110 14.74 13.22 10.98
C PHE C 110 14.75 11.72 11.31
N ASN C 111 15.22 11.37 12.50
CA ASN C 111 15.09 10.01 12.96
C ASN C 111 13.82 9.81 13.77
N TYR C 112 12.93 10.79 13.72
CA TYR C 112 11.62 10.72 14.37
C TYR C 112 10.50 10.55 13.32
N PRO C 113 9.41 9.85 13.69
CA PRO C 113 8.44 9.53 12.66
C PRO C 113 7.26 10.48 12.62
N THR C 114 6.70 10.67 11.42
CA THR C 114 5.48 11.47 11.27
C THR C 114 4.25 10.59 11.48
N LEU C 115 3.66 10.69 12.67
CA LEU C 115 2.54 9.81 13.04
C LEU C 115 1.16 10.43 12.89
N SER C 116 1.09 11.70 12.51
CA SER C 116 -0.19 12.35 12.26
C SER C 116 0.03 13.45 11.26
N TRP C 117 -1.06 14.07 10.80
CA TRP C 117 -0.92 15.22 9.92
C TRP C 117 -0.37 16.41 10.70
N ALA C 118 -0.69 16.50 11.99
CA ALA C 118 -0.19 17.60 12.82
C ALA C 118 1.34 17.62 12.83
N ASP C 119 1.94 16.43 12.88
CA ASP C 119 3.39 16.28 12.77
C ASP C 119 3.99 17.12 11.64
N ILE C 120 3.33 17.09 10.47
CA ILE C 120 3.83 17.81 9.31
C ILE C 120 3.85 19.32 9.57
N GLY C 121 2.75 19.85 10.11
CA GLY C 121 2.67 21.27 10.47
C GLY C 121 3.75 21.67 11.47
N VAL C 122 3.93 20.84 12.50
CA VAL C 122 4.88 21.10 13.57
C VAL C 122 6.33 21.00 13.09
N ILE C 123 6.62 20.04 12.22
CA ILE C 123 7.90 20.05 11.54
C ILE C 123 8.04 21.36 10.78
N GLY C 124 7.02 21.73 10.01
CA GLY C 124 7.05 22.95 9.21
C GLY C 124 7.27 24.22 10.03
N TRP C 125 6.82 24.19 11.27
CA TRP C 125 6.85 25.35 12.15
C TRP C 125 8.04 25.36 13.12
N LEU C 126 8.20 24.30 13.91
CA LEU C 126 9.28 24.25 14.89
C LEU C 126 10.59 23.77 14.30
N VAL C 127 10.55 22.74 13.47
CA VAL C 127 11.77 22.12 12.94
C VAL C 127 12.40 22.96 11.84
N ASP C 128 11.58 23.52 10.97
CA ASP C 128 12.06 24.52 10.04
C ASP C 128 12.46 25.80 10.76
N GLY C 129 11.68 26.17 11.78
CA GLY C 129 12.00 27.32 12.63
C GLY C 129 13.36 27.21 13.29
N ALA C 130 13.67 26.02 13.80
CA ALA C 130 14.94 25.74 14.47
C ALA C 130 16.09 25.70 13.48
N ALA C 131 15.80 25.27 12.25
CA ALA C 131 16.81 25.25 11.18
C ALA C 131 17.08 26.66 10.70
N ILE C 132 16.05 27.49 10.67
CA ILE C 132 16.17 28.87 10.25
C ILE C 132 16.96 29.71 11.26
N VAL C 133 16.62 29.59 12.54
CA VAL C 133 17.39 30.27 13.58
C VAL C 133 18.88 29.95 13.41
N ASN C 134 19.19 28.69 13.17
CA ASN C 134 20.56 28.27 12.95
C ASN C 134 21.16 28.84 11.63
N GLN C 135 20.34 28.93 10.58
CA GLN C 135 20.83 29.34 9.24
C GLN C 135 21.01 30.85 9.10
N VAL C 136 20.17 31.60 9.80
CA VAL C 136 20.32 33.04 9.89
C VAL C 136 21.66 33.36 10.55
N ALA C 137 21.96 32.71 11.67
CA ALA C 137 23.25 32.89 12.32
C ALA C 137 24.40 32.40 11.45
N LEU C 138 24.11 31.61 10.44
CA LEU C 138 25.18 31.15 9.58
C LEU C 138 25.40 32.06 8.39
N CYS C 139 24.52 33.05 8.23
CA CYS C 139 24.61 33.99 7.10
C CYS C 139 25.90 34.78 7.11
N ARG C 140 26.46 34.95 8.30
CA ARG C 140 27.72 35.65 8.47
C ARG C 140 28.87 34.67 8.73
N THR C 141 28.75 33.44 8.23
CA THR C 141 29.86 32.46 8.32
C THR C 141 31.05 32.89 7.47
N SER C 142 32.25 32.49 7.87
CA SER C 142 33.48 32.99 7.26
C SER C 142 33.63 32.61 5.80
N TYR C 143 33.11 31.44 5.43
CA TYR C 143 33.25 30.95 4.07
C TYR C 143 32.13 31.51 3.20
N GLY C 144 32.50 32.02 2.04
CA GLY C 144 31.60 32.73 1.15
C GLY C 144 30.54 31.85 0.51
N PRO C 145 30.95 30.76 -0.18
CA PRO C 145 29.96 29.89 -0.83
C PRO C 145 28.91 29.36 0.16
N TYR C 146 29.36 29.03 1.37
CA TYR C 146 28.46 28.60 2.45
C TYR C 146 27.53 29.73 2.82
N ALA C 147 28.09 30.87 3.26
CA ALA C 147 27.30 32.02 3.69
C ALA C 147 26.28 32.52 2.66
N ARG C 148 26.65 32.45 1.38
CA ARG C 148 25.75 32.89 0.30
C ARG C 148 24.63 31.88 0.06
N ALA C 149 24.98 30.60 0.17
CA ALA C 149 24.01 29.51 0.14
C ALA C 149 23.01 29.69 1.27
N MET C 150 23.50 30.00 2.46
CA MET C 150 22.66 30.24 3.63
C MET C 150 21.67 31.38 3.46
N VAL C 151 22.04 32.39 2.66
CA VAL C 151 21.15 33.51 2.38
C VAL C 151 20.02 33.08 1.42
N LYS C 152 20.41 32.45 0.30
CA LYS C 152 19.47 31.96 -0.69
C LYS C 152 18.44 31.05 -0.02
N ILE C 153 18.92 30.16 0.85
CA ILE C 153 18.09 29.17 1.53
C ILE C 153 17.12 29.83 2.52
N CYS C 154 17.62 30.57 3.50
CA CYS C 154 16.73 31.24 4.44
C CYS C 154 15.62 32.00 3.77
N LYS C 155 15.91 32.54 2.57
CA LYS C 155 14.94 33.29 1.79
C LYS C 155 13.82 32.35 1.36
N GLU C 156 14.19 31.20 0.83
CA GLU C 156 13.23 30.21 0.34
C GLU C 156 12.51 29.46 1.45
N GLU C 157 13.27 28.89 2.39
CA GLU C 157 12.74 28.07 3.49
C GLU C 157 11.77 28.76 4.44
N SER C 158 11.87 30.07 4.61
CA SER C 158 11.00 30.77 5.56
C SER C 158 9.60 31.05 5.02
N PHE C 159 9.44 31.01 3.70
CA PHE C 159 8.11 30.97 3.10
C PHE C 159 7.35 29.72 3.56
N HIS C 160 8.00 28.56 3.48
CA HIS C 160 7.43 27.28 3.94
C HIS C 160 7.25 27.16 5.45
N GLN C 161 8.10 27.84 6.20
CA GLN C 161 7.98 27.90 7.64
C GLN C 161 6.68 28.60 8.03
N ARG C 162 6.35 29.70 7.35
CA ARG C 162 5.10 30.41 7.60
C ARG C 162 3.90 29.60 7.17
N GLN C 163 4.08 28.77 6.15
CA GLN C 163 3.07 27.84 5.70
C GLN C 163 2.82 26.78 6.78
N GLY C 164 3.91 26.22 7.30
CA GLY C 164 3.85 25.23 8.38
C GLY C 164 3.14 25.79 9.60
N PHE C 165 3.46 27.03 9.95
CA PHE C 165 2.82 27.70 11.07
C PHE C 165 1.32 27.92 10.84
N GLU C 166 0.94 28.24 9.60
CA GLU C 166 -0.45 28.49 9.26
C GLU C 166 -1.27 27.20 9.35
N ALA C 167 -0.64 26.09 8.98
CA ALA C 167 -1.22 24.75 9.10
C ALA C 167 -1.52 24.44 10.57
N CYS C 168 -0.56 24.77 11.44
CA CYS C 168 -0.72 24.61 12.87
C CYS C 168 -1.77 25.55 13.40
N MET C 169 -1.85 26.75 12.84
CA MET C 169 -2.86 27.73 13.24
C MET C 169 -4.25 27.19 12.97
N ALA C 170 -4.42 26.56 11.80
CA ALA C 170 -5.67 25.92 11.41
C ALA C 170 -6.14 24.85 12.42
N LEU C 171 -5.18 24.11 12.99
CA LEU C 171 -5.48 23.09 14.00
C LEU C 171 -5.78 23.72 15.36
N ALA C 172 -4.98 24.73 15.73
CA ALA C 172 -5.18 25.45 16.98
C ALA C 172 -6.58 26.05 17.11
N GLN C 173 -7.17 26.39 15.95
CA GLN C 173 -8.45 27.07 15.89
C GLN C 173 -9.60 26.19 15.43
N GLY C 174 -9.33 24.92 15.19
CA GLY C 174 -10.34 24.00 14.66
C GLY C 174 -11.12 23.29 15.75
N SER C 175 -11.62 22.12 15.38
CA SER C 175 -12.36 21.24 16.29
C SER C 175 -11.50 20.81 17.47
N GLU C 176 -12.17 20.29 18.49
CA GLU C 176 -11.48 19.80 19.70
C GLU C 176 -10.46 18.73 19.32
N ALA C 177 -10.81 17.91 18.32
CA ALA C 177 -9.99 16.80 17.89
C ALA C 177 -8.72 17.29 17.22
N GLN C 178 -8.84 18.43 16.52
CA GLN C 178 -7.71 19.04 15.80
C GLN C 178 -6.69 19.64 16.75
N LYS C 179 -7.19 20.26 17.83
CA LYS C 179 -6.35 20.86 18.87
C LYS C 179 -5.55 19.81 19.61
N GLN C 180 -6.18 18.66 19.87
CA GLN C 180 -5.49 17.55 20.54
C GLN C 180 -4.37 16.95 19.69
N MET C 181 -4.62 16.92 18.39
CA MET C 181 -3.66 16.45 17.41
C MET C 181 -2.39 17.29 17.41
N LEU C 182 -2.55 18.61 17.46
CA LEU C 182 -1.42 19.52 17.45
C LEU C 182 -0.68 19.42 18.76
N GLN C 183 -1.41 19.41 19.87
CA GLN C 183 -0.76 19.34 21.17
C GLN C 183 0.14 18.11 21.26
N ASP C 184 -0.33 17.02 20.67
CA ASP C 184 0.42 15.78 20.68
C ASP C 184 1.64 15.81 19.74
N ALA C 185 1.53 16.49 18.61
CA ALA C 185 2.66 16.71 17.70
C ALA C 185 3.73 17.56 18.38
N ILE C 186 3.31 18.70 18.95
CA ILE C 186 4.20 19.53 19.74
C ILE C 186 4.90 18.65 20.77
N ASN C 187 4.12 17.89 21.55
CA ASN C 187 4.67 17.06 22.61
C ASN C 187 5.73 16.07 22.16
N ARG C 188 5.58 15.51 20.97
CA ARG C 188 6.57 14.56 20.46
C ARG C 188 7.73 15.21 19.72
N PHE C 189 7.67 16.53 19.52
CA PHE C 189 8.66 17.22 18.68
C PHE C 189 9.45 18.34 19.34
N TRP C 190 8.92 18.88 20.44
CA TRP C 190 9.55 19.99 21.13
C TRP C 190 10.98 19.64 21.56
N TRP C 191 11.13 18.63 22.39
CA TRP C 191 12.45 18.22 22.83
C TRP C 191 13.37 17.82 21.68
N PRO C 192 12.89 16.97 20.75
CA PRO C 192 13.77 16.66 19.62
C PRO C 192 14.18 17.89 18.79
N ALA C 193 13.33 18.93 18.78
CA ALA C 193 13.68 20.17 18.11
C ALA C 193 14.86 20.86 18.80
N LEU C 194 14.81 20.97 20.13
CA LEU C 194 15.90 21.62 20.88
C LEU C 194 17.26 20.94 20.66
N MET C 195 17.25 19.64 20.41
CA MET C 195 18.52 18.92 20.20
C MET C 195 19.12 19.18 18.83
N MET C 196 18.39 19.86 17.97
CA MET C 196 18.91 20.16 16.62
C MET C 196 20.16 21.02 16.68
N PHE C 197 20.22 21.86 17.70
CA PHE C 197 21.31 22.81 17.84
C PHE C 197 22.64 22.16 18.28
N GLY C 198 22.57 20.93 18.77
CA GLY C 198 23.75 20.15 19.12
C GLY C 198 23.95 20.11 20.62
N PRO C 199 25.07 19.52 21.07
CA PRO C 199 25.32 19.34 22.50
C PRO C 199 25.58 20.66 23.25
N ASN C 200 25.85 20.55 24.56
CA ASN C 200 26.26 21.65 25.42
C ASN C 200 27.49 22.38 24.92
N ASP C 201 27.75 23.54 25.54
CA ASP C 201 29.02 24.25 25.34
C ASP C 201 30.19 23.57 26.06
N ASP C 202 29.88 22.79 27.10
CA ASP C 202 30.88 22.00 27.81
C ASP C 202 31.23 20.71 27.08
N ASN C 203 30.39 20.29 26.13
CA ASN C 203 30.63 19.05 25.39
C ASN C 203 30.59 19.26 23.87
N SER C 204 31.33 20.24 23.39
CA SER C 204 31.33 20.58 21.98
C SER C 204 32.73 20.62 21.39
N PRO C 205 33.26 19.44 20.98
CA PRO C 205 34.63 19.33 20.47
C PRO C 205 34.95 20.28 19.30
N ASN C 206 33.98 20.47 18.39
CA ASN C 206 34.17 21.35 17.26
C ASN C 206 34.12 22.84 17.62
N SER C 207 33.41 23.18 18.69
CA SER C 207 33.14 24.60 19.03
C SER C 207 34.36 25.54 19.12
N ALA C 208 35.44 25.07 19.75
CA ALA C 208 36.66 25.89 19.92
C ALA C 208 37.10 26.49 18.58
N ARG C 209 37.52 25.60 17.66
CA ARG C 209 37.99 25.98 16.34
C ARG C 209 36.94 26.72 15.50
N SER C 210 35.70 26.24 15.52
CA SER C 210 34.67 26.82 14.68
C SER C 210 34.45 28.29 14.98
N LEU C 211 34.49 28.64 16.26
CA LEU C 211 34.25 30.01 16.68
C LEU C 211 35.44 30.90 16.31
N THR C 212 36.64 30.37 16.54
CA THR C 212 37.91 31.02 16.18
C THR C 212 38.00 31.37 14.69
N TRP C 213 37.58 30.43 13.83
CA TRP C 213 37.60 30.63 12.40
C TRP C 213 36.31 31.23 11.87
N LYS C 214 35.47 31.71 12.79
CA LYS C 214 34.17 32.30 12.47
C LYS C 214 33.35 31.47 11.46
N ILE C 215 33.54 30.14 11.50
CA ILE C 215 32.69 29.19 10.78
C ILE C 215 31.34 29.14 11.47
N LYS C 216 31.40 29.16 12.79
CA LYS C 216 30.22 29.17 13.64
C LYS C 216 30.22 30.50 14.41
N ARG C 217 29.11 31.21 14.39
CA ARG C 217 29.06 32.55 14.97
C ARG C 217 28.52 32.60 16.39
N PHE C 218 27.68 31.65 16.76
CA PHE C 218 27.11 31.58 18.10
C PHE C 218 27.22 30.17 18.64
N THR C 219 27.30 30.00 19.96
CA THR C 219 27.39 28.65 20.55
C THR C 219 26.07 27.89 20.42
N ASN C 220 26.16 26.56 20.43
CA ASN C 220 24.98 25.70 20.38
C ASN C 220 23.92 26.10 21.41
N ASP C 221 24.34 26.40 22.64
CA ASP C 221 23.41 26.82 23.68
C ASP C 221 22.81 28.19 23.39
N GLU C 222 23.61 29.10 22.81
CA GLU C 222 23.14 30.47 22.54
C GLU C 222 22.04 30.48 21.50
N LEU C 223 22.22 29.73 20.43
CA LEU C 223 21.20 29.60 19.39
C LEU C 223 19.95 28.91 19.91
N ARG C 224 20.12 27.76 20.56
CA ARG C 224 19.01 27.09 21.24
C ARG C 224 18.19 28.02 22.16
N GLN C 225 18.86 28.84 22.97
CA GLN C 225 18.21 29.85 23.78
C GLN C 225 17.39 30.84 22.94
N ARG C 226 17.94 31.24 21.78
CA ARG C 226 17.28 32.18 20.86
C ARG C 226 15.99 31.58 20.32
N PHE C 227 16.10 30.32 19.88
CA PHE C 227 14.98 29.56 19.36
C PHE C 227 13.85 29.49 20.36
N VAL C 228 14.15 29.05 21.59
CA VAL C 228 13.16 28.99 22.68
C VAL C 228 12.50 30.34 22.92
N ASP C 229 13.29 31.40 22.91
CA ASP C 229 12.79 32.75 23.15
C ASP C 229 11.84 33.24 22.06
N ASN C 230 12.16 32.94 20.79
CA ASN C 230 11.28 33.29 19.66
C ASN C 230 10.01 32.46 19.62
N THR C 231 10.14 31.17 19.94
CA THR C 231 9.08 30.19 19.73
C THR C 231 8.02 30.15 20.83
N VAL C 232 8.41 30.35 22.08
CA VAL C 232 7.44 30.22 23.17
C VAL C 232 6.22 31.15 23.01
N PRO C 233 6.43 32.41 22.62
CA PRO C 233 5.23 33.22 22.52
C PRO C 233 4.32 32.75 21.39
N GLN C 234 4.94 32.16 20.36
CA GLN C 234 4.20 31.58 19.24
C GLN C 234 3.31 30.42 19.72
N VAL C 235 3.82 29.66 20.68
CA VAL C 235 3.08 28.57 21.31
C VAL C 235 1.90 29.11 22.12
N GLU C 236 2.14 30.12 22.96
CA GLU C 236 1.07 30.75 23.78
C GLU C 236 -0.02 31.40 22.92
N MET C 237 0.39 31.87 21.74
CA MET C 237 -0.49 32.49 20.78
C MET C 237 -1.50 31.48 20.27
N LEU C 238 -1.04 30.26 19.98
CA LEU C 238 -1.89 29.16 19.51
C LEU C 238 -2.78 28.58 20.62
N GLY C 239 -2.51 28.99 21.86
CA GLY C 239 -3.23 28.47 23.02
C GLY C 239 -2.84 27.03 23.31
N MET C 240 -1.58 26.73 23.10
CA MET C 240 -1.01 25.41 23.36
C MET C 240 -0.03 25.48 24.51
N THR C 241 0.64 24.37 24.78
CA THR C 241 1.65 24.32 25.83
C THR C 241 2.85 23.56 25.31
N VAL C 242 3.95 23.68 26.03
CA VAL C 242 5.17 22.97 25.72
C VAL C 242 5.34 21.89 26.79
N PRO C 243 5.77 20.67 26.40
CA PRO C 243 5.94 19.60 27.38
C PRO C 243 7.16 19.83 28.27
N ASP C 244 7.10 20.87 29.10
CA ASP C 244 8.22 21.22 30.00
C ASP C 244 7.71 21.88 31.28
N PRO C 245 7.74 21.14 32.40
CA PRO C 245 7.30 21.67 33.71
C PRO C 245 8.18 22.86 34.16
N ASP C 246 9.47 22.81 33.85
CA ASP C 246 10.46 23.80 34.30
C ASP C 246 10.49 25.12 33.53
N LEU C 247 9.76 25.18 32.40
CA LEU C 247 9.76 26.35 31.54
C LEU C 247 9.01 27.50 32.18
N HIS C 248 9.67 28.65 32.27
CA HIS C 248 9.02 29.88 32.68
C HIS C 248 9.92 31.04 32.28
N PHE C 249 9.38 32.26 32.28
CA PHE C 249 10.13 33.45 31.92
C PHE C 249 10.90 34.07 33.10
N ASP C 250 12.20 34.27 32.93
CA ASP C 250 13.03 34.80 34.00
C ASP C 250 13.32 36.29 33.80
N THR C 251 12.47 37.13 34.38
CA THR C 251 12.64 38.59 34.43
C THR C 251 14.10 39.03 34.50
N GLU C 252 14.77 38.67 35.59
CA GLU C 252 16.12 39.15 35.87
C GLU C 252 17.12 38.91 34.74
N SER C 253 16.95 37.84 33.97
CA SER C 253 17.85 37.62 32.81
C SER C 253 17.20 37.96 31.46
N GLY C 254 15.86 38.07 31.46
CA GLY C 254 15.11 38.39 30.25
C GLY C 254 15.04 37.27 29.23
N HIS C 255 15.29 36.04 29.68
CA HIS C 255 15.19 34.88 28.84
C HIS C 255 14.15 33.91 29.39
N TYR C 256 13.68 33.00 28.53
CA TYR C 256 12.91 31.86 28.97
C TYR C 256 13.87 30.79 29.49
N ARG C 257 13.86 30.55 30.81
CA ARG C 257 14.61 29.44 31.38
C ARG C 257 13.84 28.17 31.05
N PHE C 258 14.54 27.13 30.61
CA PHE C 258 13.90 25.88 30.24
C PHE C 258 14.60 24.65 30.82
N GLY C 259 13.91 23.51 30.74
CA GLY C 259 14.33 22.26 31.36
C GLY C 259 15.60 21.61 30.83
N GLU C 260 16.02 20.53 31.48
CA GLU C 260 17.21 19.80 31.10
C GLU C 260 16.91 18.83 29.93
N ILE C 261 17.80 18.80 28.95
CA ILE C 261 17.67 17.90 27.80
C ILE C 261 18.09 16.48 28.19
N ASP C 262 17.35 15.49 27.69
CA ASP C 262 17.75 14.09 27.88
C ASP C 262 18.94 13.77 26.96
N TRP C 263 20.15 13.98 27.46
CA TRP C 263 21.35 13.82 26.64
C TRP C 263 21.63 12.38 26.30
N GLN C 264 21.11 11.49 27.12
CA GLN C 264 21.24 10.06 26.93
C GLN C 264 20.45 9.61 25.70
N GLU C 265 19.28 10.22 25.48
CA GLU C 265 18.54 10.02 24.25
C GLU C 265 19.29 10.61 23.05
N PHE C 266 19.79 11.83 23.21
CA PHE C 266 20.51 12.52 22.15
C PHE C 266 21.66 11.66 21.62
N ASN C 267 22.39 11.04 22.55
CA ASN C 267 23.53 10.22 22.24
C ASN C 267 23.18 8.93 21.51
N GLU C 268 22.01 8.39 21.82
CA GLU C 268 21.50 7.21 21.11
C GLU C 268 21.11 7.60 19.69
N VAL C 269 20.38 8.71 19.58
CA VAL C 269 19.87 9.13 18.29
C VAL C 269 21.00 9.37 17.31
N ILE C 270 21.99 10.17 17.71
CA ILE C 270 23.10 10.44 16.79
C ILE C 270 23.93 9.21 16.46
N ASN C 271 24.01 8.27 17.40
CA ASN C 271 24.71 7.00 17.17
C ASN C 271 23.88 5.90 16.49
N GLY C 272 22.84 6.31 15.76
CA GLY C 272 22.07 5.42 14.90
C GLY C 272 21.04 4.52 15.57
N ARG C 273 20.75 4.77 16.85
CA ARG C 273 19.78 3.98 17.59
C ARG C 273 18.56 4.78 18.05
N GLY C 274 18.07 5.63 17.16
CA GLY C 274 16.82 6.34 17.39
C GLY C 274 15.65 5.56 16.86
N ILE C 275 14.52 6.24 16.73
CA ILE C 275 13.29 5.60 16.25
C ILE C 275 13.37 5.19 14.76
N CYS C 276 13.76 6.11 13.87
CA CYS C 276 13.75 5.81 12.43
C CYS C 276 15.12 5.71 11.75
N ASN C 277 16.21 5.98 12.46
CA ASN C 277 17.55 5.86 11.89
C ASN C 277 17.65 4.75 10.87
N GLN C 278 17.37 3.53 11.29
CA GLN C 278 17.47 2.37 10.42
C GLN C 278 16.54 2.45 9.20
N GLU C 279 15.30 2.87 9.44
CA GLU C 279 14.30 2.94 8.38
C GLU C 279 14.69 3.98 7.30
N ARG C 280 15.36 5.05 7.75
CA ARG C 280 15.78 6.15 6.89
C ARG C 280 16.95 5.76 6.02
N LEU C 281 18.00 5.20 6.62
CA LEU C 281 19.16 4.77 5.83
C LEU C 281 18.78 3.63 4.91
N ASP C 282 18.02 2.67 5.42
CA ASP C 282 17.43 1.61 4.60
C ASP C 282 16.72 2.17 3.37
N ALA C 283 15.85 3.16 3.60
CA ALA C 283 15.10 3.79 2.52
C ALA C 283 15.98 4.41 1.44
N LYS C 284 17.07 5.07 1.87
CA LYS C 284 18.01 5.72 0.96
C LYS C 284 18.92 4.69 0.31
N ARG C 285 19.35 3.71 1.09
CA ARG C 285 20.15 2.62 0.56
C ARG C 285 19.39 1.86 -0.51
N LYS C 286 18.11 1.60 -0.26
CA LYS C 286 17.26 0.90 -1.24
C LYS C 286 17.06 1.74 -2.51
N ALA C 287 16.84 3.04 -2.36
CA ALA C 287 16.64 3.95 -3.49
C ALA C 287 17.90 4.00 -4.36
N TRP C 288 19.05 3.84 -3.71
CA TRP C 288 20.33 3.85 -4.39
C TRP C 288 20.60 2.54 -5.14
N GLU C 289 20.43 1.41 -4.45
CA GLU C 289 20.67 0.11 -5.07
C GLU C 289 19.68 -0.20 -6.18
N GLU C 290 18.39 -0.07 -5.92
CA GLU C 290 17.37 -0.33 -6.95
C GLU C 290 17.47 0.65 -8.12
N GLY C 291 18.02 1.83 -7.86
CA GLY C 291 18.19 2.82 -8.91
C GLY C 291 19.39 2.58 -9.81
N THR C 292 20.26 1.65 -9.42
CA THR C 292 21.51 1.38 -10.17
C THR C 292 21.27 1.22 -11.66
N TRP C 293 20.42 0.29 -12.05
CA TRP C 293 20.21 -0.01 -13.47
C TRP C 293 19.77 1.21 -14.27
N VAL C 294 19.25 2.22 -13.59
CA VAL C 294 18.75 3.44 -14.23
C VAL C 294 19.85 4.46 -14.50
N ARG C 295 20.72 4.65 -13.51
CA ARG C 295 21.90 5.50 -13.67
C ARG C 295 22.86 4.91 -14.71
N GLU C 296 22.99 3.59 -14.68
CA GLU C 296 23.83 2.87 -15.62
C GLU C 296 23.33 2.98 -17.04
N ALA C 297 22.01 2.93 -17.21
CA ALA C 297 21.40 3.09 -18.53
C ALA C 297 21.57 4.52 -19.06
N ALA C 298 21.50 5.50 -18.16
CA ALA C 298 21.64 6.91 -18.51
C ALA C 298 23.05 7.20 -19.00
N LEU C 299 24.00 6.49 -18.41
CA LEU C 299 25.44 6.64 -18.72
C LEU C 299 25.73 6.09 -20.11
N ALA C 300 25.38 4.81 -20.31
CA ALA C 300 25.53 4.11 -21.59
C ALA C 300 24.76 4.76 -22.75
N HIS C 301 23.75 5.57 -22.43
CA HIS C 301 23.01 6.28 -23.47
C HIS C 301 23.70 7.59 -23.87
N ALA C 302 24.29 8.29 -22.89
CA ALA C 302 25.03 9.51 -23.15
C ALA C 302 26.33 9.25 -23.94
N GLN C 303 26.55 7.97 -24.26
CA GLN C 303 27.74 7.49 -24.95
C GLN C 303 27.48 7.15 -26.43
N LYS C 304 26.34 7.61 -26.97
CA LYS C 304 25.99 7.33 -28.38
C LYS C 304 25.44 8.56 -29.10
N THR D 4 -16.95 -55.32 -26.39
CA THR D 4 -17.62 -55.36 -25.04
C THR D 4 -16.90 -54.42 -24.06
N GLN D 5 -15.66 -54.04 -24.36
CA GLN D 5 -14.98 -53.00 -23.60
C GLN D 5 -15.83 -51.74 -23.60
N GLU D 6 -15.98 -51.15 -24.77
CA GLU D 6 -16.86 -50.00 -24.97
C GLU D 6 -18.30 -50.32 -24.57
N GLU D 7 -18.74 -51.55 -24.85
CA GLU D 7 -20.14 -51.98 -24.62
C GLU D 7 -20.56 -52.07 -23.15
N ARG D 8 -19.66 -52.57 -22.29
CA ARG D 8 -19.94 -52.69 -20.85
C ARG D 8 -19.94 -51.33 -20.19
N PHE D 9 -19.01 -50.48 -20.60
CA PHE D 9 -18.96 -49.08 -20.17
C PHE D 9 -20.31 -48.42 -20.42
N GLU D 10 -20.78 -48.48 -21.67
CA GLU D 10 -22.08 -47.91 -22.08
C GLU D 10 -23.20 -48.26 -21.09
N GLN D 11 -23.20 -49.51 -20.60
CA GLN D 11 -24.23 -50.00 -19.68
C GLN D 11 -24.06 -49.45 -18.25
N ARG D 12 -22.82 -49.41 -17.80
CA ARG D 12 -22.49 -48.95 -16.47
C ARG D 12 -22.93 -47.54 -16.33
N ILE D 13 -22.59 -46.75 -17.31
CA ILE D 13 -23.08 -45.41 -17.40
C ILE D 13 -24.57 -45.43 -17.34
N ALA D 14 -25.17 -46.08 -18.31
CA ALA D 14 -26.61 -46.19 -18.42
C ALA D 14 -27.33 -46.73 -17.19
N GLN D 15 -26.74 -47.63 -16.44
CA GLN D 15 -27.44 -48.15 -15.28
C GLN D 15 -27.18 -47.22 -14.18
N GLU D 16 -26.14 -46.42 -14.37
CA GLU D 16 -25.75 -45.38 -13.45
C GLU D 16 -24.93 -45.91 -12.33
N THR D 17 -23.93 -46.69 -12.68
CA THR D 17 -22.98 -47.13 -11.70
C THR D 17 -21.77 -46.29 -11.84
N ALA D 18 -21.31 -45.76 -10.74
CA ALA D 18 -20.25 -44.78 -10.77
C ALA D 18 -18.93 -45.37 -11.30
N ILE D 19 -18.36 -44.68 -12.28
CA ILE D 19 -17.06 -45.03 -12.86
C ILE D 19 -15.98 -44.72 -11.83
N GLU D 20 -14.96 -45.57 -11.74
CA GLU D 20 -13.89 -45.41 -10.76
C GLU D 20 -12.51 -45.40 -11.42
N PRO D 21 -11.48 -44.89 -10.71
CA PRO D 21 -10.18 -44.54 -11.32
C PRO D 21 -9.52 -45.63 -12.17
N GLN D 22 -9.58 -46.87 -11.71
CA GLN D 22 -8.88 -47.95 -12.40
C GLN D 22 -9.82 -48.84 -13.24
N ASP D 23 -10.97 -48.29 -13.62
CA ASP D 23 -11.86 -48.89 -14.61
C ASP D 23 -11.36 -48.58 -16.02
N TRP D 24 -11.94 -49.24 -17.02
CA TRP D 24 -11.72 -48.85 -18.41
C TRP D 24 -12.71 -47.76 -18.77
N MET D 25 -12.26 -46.80 -19.58
CA MET D 25 -13.08 -45.69 -20.04
C MET D 25 -12.54 -45.18 -21.35
N PRO D 26 -13.41 -44.65 -22.26
CA PRO D 26 -12.95 -44.16 -23.55
C PRO D 26 -11.87 -43.12 -23.37
N ASP D 27 -10.90 -43.08 -24.26
CA ASP D 27 -9.81 -42.11 -24.17
C ASP D 27 -10.30 -40.64 -24.18
N ALA D 28 -11.35 -40.37 -24.97
CA ALA D 28 -11.98 -39.04 -25.06
C ALA D 28 -12.77 -38.63 -23.80
N TYR D 29 -13.30 -39.63 -23.08
CA TYR D 29 -14.00 -39.45 -21.79
C TYR D 29 -13.04 -39.06 -20.67
N ARG D 30 -11.86 -39.67 -20.68
CA ARG D 30 -10.82 -39.34 -19.74
C ARG D 30 -10.34 -37.91 -19.99
N LYS D 31 -10.03 -37.59 -21.25
CA LYS D 31 -9.47 -36.28 -21.61
C LYS D 31 -10.43 -35.14 -21.32
N THR D 32 -11.72 -35.35 -21.57
CA THR D 32 -12.74 -34.34 -21.32
C THR D 32 -13.00 -34.12 -19.82
N LEU D 33 -12.78 -35.17 -19.02
CA LEU D 33 -12.92 -35.06 -17.56
C LEU D 33 -11.72 -34.41 -16.86
N ILE D 34 -10.51 -34.62 -17.39
CA ILE D 34 -9.35 -33.89 -16.90
C ILE D 34 -9.55 -32.41 -17.19
N ARG D 35 -9.97 -32.10 -18.42
CA ARG D 35 -10.35 -30.75 -18.83
C ARG D 35 -11.40 -30.11 -17.89
N GLN D 36 -12.52 -30.78 -17.66
CA GLN D 36 -13.56 -30.17 -16.84
C GLN D 36 -13.16 -30.02 -15.36
N ILE D 37 -12.63 -31.08 -14.77
CA ILE D 37 -12.25 -31.09 -13.35
C ILE D 37 -11.03 -30.17 -13.08
N GLY D 38 -10.07 -30.17 -14.00
CA GLY D 38 -8.93 -29.27 -13.90
C GLY D 38 -9.39 -27.82 -13.83
N GLN D 39 -10.23 -27.43 -14.77
CA GLN D 39 -10.70 -26.04 -14.86
C GLN D 39 -11.56 -25.66 -13.66
N HIS D 40 -12.24 -26.65 -13.09
CA HIS D 40 -13.01 -26.47 -11.89
C HIS D 40 -12.09 -26.12 -10.72
N ALA D 41 -10.92 -26.74 -10.66
CA ALA D 41 -9.94 -26.47 -9.62
C ALA D 41 -9.30 -25.11 -9.85
N HIS D 42 -8.97 -24.84 -11.12
CA HIS D 42 -8.45 -23.55 -11.54
C HIS D 42 -9.36 -22.41 -11.11
N SER D 43 -10.66 -22.62 -11.26
CA SER D 43 -11.64 -21.65 -10.80
C SER D 43 -11.49 -21.40 -9.29
N GLU D 44 -11.40 -22.47 -8.51
CA GLU D 44 -11.32 -22.35 -7.06
C GLU D 44 -10.09 -21.54 -6.62
N ILE D 45 -8.98 -21.72 -7.35
CA ILE D 45 -7.74 -21.01 -7.05
C ILE D 45 -7.76 -19.53 -7.46
N VAL D 46 -8.16 -19.26 -8.70
CA VAL D 46 -8.27 -17.89 -9.18
C VAL D 46 -9.30 -17.14 -8.35
N GLY D 47 -10.42 -17.80 -8.03
CA GLY D 47 -11.49 -17.20 -7.24
C GLY D 47 -11.05 -16.60 -5.91
N MET D 48 -9.85 -16.96 -5.46
CA MET D 48 -9.30 -16.42 -4.22
C MET D 48 -8.94 -14.94 -4.34
N LEU D 49 -8.57 -14.51 -5.55
CA LEU D 49 -8.06 -13.15 -5.78
C LEU D 49 -9.09 -12.02 -5.62
N PRO D 50 -10.26 -12.12 -6.28
CA PRO D 50 -11.24 -11.05 -6.07
C PRO D 50 -11.65 -10.96 -4.62
N GLU D 51 -11.80 -12.11 -3.98
CA GLU D 51 -12.19 -12.16 -2.56
C GLU D 51 -11.08 -11.73 -1.62
N GLY D 52 -9.86 -12.11 -1.98
CA GLY D 52 -8.68 -11.71 -1.20
C GLY D 52 -8.55 -10.20 -1.17
N ASN D 53 -8.85 -9.59 -2.30
CA ASN D 53 -8.77 -8.15 -2.48
C ASN D 53 -9.52 -7.33 -1.41
N TRP D 54 -10.47 -7.94 -0.70
CA TRP D 54 -11.27 -7.22 0.30
C TRP D 54 -11.06 -7.63 1.75
N ILE D 55 -10.20 -8.62 1.97
CA ILE D 55 -9.89 -9.14 3.30
C ILE D 55 -9.45 -7.99 4.20
N THR D 56 -8.37 -7.30 3.81
CA THR D 56 -7.79 -6.25 4.65
C THR D 56 -8.76 -5.07 4.86
N ARG D 57 -9.76 -4.95 3.98
CA ARG D 57 -10.70 -3.83 4.01
C ARG D 57 -12.10 -4.14 4.57
N ALA D 58 -12.42 -5.41 4.81
CA ALA D 58 -13.75 -5.80 5.30
C ALA D 58 -14.24 -4.96 6.50
N PRO D 59 -15.54 -4.59 6.53
CA PRO D 59 -16.09 -3.62 7.49
C PRO D 59 -16.15 -4.02 8.96
N THR D 60 -16.37 -5.30 9.26
CA THR D 60 -16.40 -5.74 10.66
C THR D 60 -15.49 -6.93 10.85
N LEU D 61 -14.97 -7.10 12.06
CA LEU D 61 -14.15 -8.27 12.36
C LEU D 61 -14.87 -9.59 12.04
N ARG D 62 -16.16 -9.68 12.37
CA ARG D 62 -17.00 -10.85 12.04
C ARG D 62 -17.04 -11.16 10.53
N ARG D 63 -17.37 -10.16 9.71
CA ARG D 63 -17.45 -10.30 8.27
C ARG D 63 -16.11 -10.68 7.69
N LYS D 64 -15.07 -10.14 8.29
CA LYS D 64 -13.69 -10.39 7.91
C LYS D 64 -13.30 -11.84 8.17
N ALA D 65 -13.66 -12.33 9.37
CA ALA D 65 -13.40 -13.72 9.79
C ALA D 65 -14.10 -14.76 8.89
N ILE D 66 -15.35 -14.47 8.54
CA ILE D 66 -16.11 -15.26 7.56
C ILE D 66 -15.44 -15.26 6.18
N LEU D 67 -14.98 -14.10 5.74
CA LEU D 67 -14.32 -14.00 4.44
C LEU D 67 -12.99 -14.79 4.43
N LEU D 68 -12.23 -14.71 5.51
CA LEU D 68 -11.03 -15.52 5.63
C LEU D 68 -11.33 -17.01 5.63
N ALA D 69 -12.38 -17.40 6.37
CA ALA D 69 -12.87 -18.77 6.35
C ALA D 69 -13.14 -19.19 4.91
N LYS D 70 -13.94 -18.37 4.20
CA LYS D 70 -14.34 -18.65 2.82
C LYS D 70 -13.15 -18.92 1.90
N VAL D 71 -12.15 -18.06 2.00
CA VAL D 71 -10.97 -18.17 1.16
C VAL D 71 -10.10 -19.37 1.56
N GLN D 72 -10.07 -19.69 2.85
CA GLN D 72 -9.42 -20.92 3.30
C GLN D 72 -10.12 -22.16 2.71
N ASP D 73 -11.45 -22.13 2.68
CA ASP D 73 -12.22 -23.26 2.14
C ASP D 73 -12.11 -23.37 0.62
N GLU D 74 -11.80 -22.28 -0.06
CA GLU D 74 -11.62 -22.30 -1.51
C GLU D 74 -10.31 -22.95 -1.92
N ALA D 75 -9.24 -22.62 -1.21
CA ALA D 75 -7.96 -23.27 -1.42
C ALA D 75 -8.15 -24.77 -1.22
N GLY D 76 -8.77 -25.14 -0.10
CA GLY D 76 -9.08 -26.54 0.23
C GLY D 76 -9.82 -27.28 -0.87
N HIS D 77 -10.88 -26.67 -1.39
CA HIS D 77 -11.65 -27.24 -2.50
C HIS D 77 -10.85 -27.36 -3.78
N GLY D 78 -9.93 -26.44 -4.02
CA GLY D 78 -9.03 -26.55 -5.15
C GLY D 78 -8.21 -27.82 -5.06
N LEU D 79 -7.61 -28.06 -3.89
CA LEU D 79 -6.79 -29.24 -3.63
C LEU D 79 -7.56 -30.55 -3.76
N TYR D 80 -8.81 -30.55 -3.25
CA TYR D 80 -9.66 -31.74 -3.39
C TYR D 80 -9.87 -32.01 -4.87
N LEU D 81 -10.10 -30.96 -5.66
CA LEU D 81 -10.37 -31.11 -7.06
C LEU D 81 -9.15 -31.49 -7.86
N TYR D 82 -7.96 -31.11 -7.41
CA TYR D 82 -6.74 -31.58 -8.07
C TYR D 82 -6.47 -33.07 -7.78
N SER D 83 -6.76 -33.49 -6.55
CA SER D 83 -6.73 -34.91 -6.18
C SER D 83 -7.60 -35.70 -7.14
N ALA D 84 -8.89 -35.37 -7.19
CA ALA D 84 -9.81 -35.99 -8.12
C ALA D 84 -9.28 -35.96 -9.54
N ALA D 85 -8.72 -34.82 -9.96
CA ALA D 85 -8.12 -34.70 -11.28
C ALA D 85 -7.05 -35.75 -11.47
N GLU D 86 -6.13 -35.85 -10.50
CA GLU D 86 -4.96 -36.72 -10.63
C GLU D 86 -5.28 -38.22 -10.68
N THR D 87 -6.47 -38.61 -10.21
CA THR D 87 -6.94 -40.00 -10.29
C THR D 87 -7.22 -40.46 -11.72
N LEU D 88 -7.13 -39.52 -12.67
CA LEU D 88 -7.35 -39.81 -14.10
C LEU D 88 -6.05 -39.77 -14.89
N GLY D 89 -4.94 -39.68 -14.18
CA GLY D 89 -3.63 -39.86 -14.80
C GLY D 89 -2.83 -38.62 -15.07
N CYS D 90 -3.43 -37.45 -14.85
CA CYS D 90 -2.72 -36.18 -15.07
C CYS D 90 -1.88 -35.82 -13.87
N ALA D 91 -1.02 -34.82 -14.04
CA ALA D 91 -0.26 -34.28 -12.94
C ALA D 91 -0.81 -32.89 -12.55
N ARG D 92 -0.90 -32.66 -11.24
CA ARG D 92 -1.35 -31.38 -10.70
C ARG D 92 -0.51 -30.25 -11.27
N GLU D 93 0.80 -30.35 -11.14
CA GLU D 93 1.72 -29.29 -11.57
C GLU D 93 1.69 -29.06 -13.07
N ASP D 94 1.52 -30.13 -13.84
CA ASP D 94 1.42 -30.05 -15.31
C ASP D 94 0.23 -29.18 -15.78
N ILE D 95 -0.97 -29.40 -15.24
CA ILE D 95 -2.14 -28.63 -15.66
C ILE D 95 -2.18 -27.23 -15.07
N TYR D 96 -1.59 -27.08 -13.88
CA TYR D 96 -1.48 -25.76 -13.24
C TYR D 96 -0.61 -24.82 -14.08
N GLN D 97 0.44 -25.37 -14.66
CA GLN D 97 1.26 -24.65 -15.60
C GLN D 97 0.50 -24.29 -16.89
N LYS D 98 -0.51 -25.10 -17.24
CA LYS D 98 -1.33 -24.82 -18.41
C LYS D 98 -2.26 -23.64 -18.15
N MET D 99 -2.75 -23.57 -16.93
CA MET D 99 -3.58 -22.43 -16.46
C MET D 99 -2.80 -21.10 -16.53
N LEU D 100 -1.58 -21.10 -15.99
CA LEU D 100 -0.71 -19.94 -16.05
C LEU D 100 -0.43 -19.50 -17.47
N ASP D 101 -0.28 -20.47 -18.38
CA ASP D 101 0.00 -20.17 -19.79
C ASP D 101 -1.24 -19.74 -20.58
N GLY D 102 -2.41 -19.98 -20.01
CA GLY D 102 -3.67 -19.65 -20.67
C GLY D 102 -4.14 -20.75 -21.60
N ARG D 103 -3.47 -21.88 -21.56
CA ARG D 103 -3.85 -23.03 -22.39
C ARG D 103 -5.07 -23.77 -21.83
N MET D 104 -5.35 -23.58 -20.54
CA MET D 104 -6.63 -24.01 -19.94
C MET D 104 -7.33 -22.82 -19.31
N LYS D 105 -8.65 -22.92 -19.20
CA LYS D 105 -9.49 -21.84 -18.71
C LYS D 105 -9.69 -21.91 -17.20
N TYR D 106 -10.37 -20.90 -16.67
CA TYR D 106 -10.99 -20.95 -15.34
C TYR D 106 -12.27 -20.11 -15.47
N SER D 107 -13.15 -20.19 -14.48
CA SER D 107 -14.46 -19.56 -14.63
C SER D 107 -14.38 -18.10 -15.08
N SER D 108 -15.17 -17.78 -16.09
CA SER D 108 -15.25 -16.42 -16.63
C SER D 108 -15.47 -15.39 -15.54
N ILE D 109 -16.16 -15.78 -14.47
CA ILE D 109 -16.66 -14.86 -13.46
C ILE D 109 -15.58 -14.09 -12.68
N PHE D 110 -14.42 -14.69 -12.51
CA PHE D 110 -13.39 -14.05 -11.71
C PHE D 110 -12.55 -13.02 -12.47
N ASN D 111 -12.93 -12.76 -13.71
CA ASN D 111 -12.28 -11.71 -14.49
C ASN D 111 -12.95 -10.35 -14.28
N TYR D 112 -13.81 -10.26 -13.27
CA TYR D 112 -14.48 -9.03 -12.88
C TYR D 112 -13.93 -8.55 -11.55
N PRO D 113 -13.86 -7.23 -11.35
CA PRO D 113 -13.21 -6.76 -10.13
C PRO D 113 -14.17 -6.49 -8.97
N THR D 114 -13.65 -6.61 -7.74
CA THR D 114 -14.40 -6.26 -6.55
C THR D 114 -14.17 -4.79 -6.22
N LEU D 115 -15.16 -3.96 -6.55
CA LEU D 115 -15.01 -2.52 -6.42
C LEU D 115 -15.73 -1.95 -5.21
N SER D 116 -16.45 -2.77 -4.46
CA SER D 116 -17.03 -2.32 -3.20
C SER D 116 -17.17 -3.51 -2.29
N TRP D 117 -17.50 -3.26 -1.02
CA TRP D 117 -17.72 -4.35 -0.11
C TRP D 117 -18.94 -5.15 -0.52
N ALA D 118 -19.95 -4.48 -1.05
CA ALA D 118 -21.17 -5.14 -1.52
C ALA D 118 -20.83 -6.24 -2.51
N ASP D 119 -19.85 -5.96 -3.36
CA ASP D 119 -19.32 -6.94 -4.30
C ASP D 119 -19.04 -8.28 -3.63
N ILE D 120 -18.43 -8.26 -2.45
CA ILE D 120 -18.09 -9.49 -1.75
C ILE D 120 -19.34 -10.26 -1.35
N GLY D 121 -20.33 -9.55 -0.82
CA GLY D 121 -21.61 -10.17 -0.47
C GLY D 121 -22.30 -10.78 -1.67
N VAL D 122 -22.33 -10.04 -2.78
CA VAL D 122 -23.00 -10.46 -4.00
C VAL D 122 -22.32 -11.64 -4.64
N ILE D 123 -20.98 -11.66 -4.60
CA ILE D 123 -20.24 -12.86 -5.03
C ILE D 123 -20.64 -14.02 -4.13
N GLY D 124 -20.72 -13.77 -2.82
CA GLY D 124 -21.06 -14.81 -1.87
C GLY D 124 -22.45 -15.35 -2.08
N TRP D 125 -23.33 -14.49 -2.55
CA TRP D 125 -24.74 -14.85 -2.72
C TRP D 125 -25.08 -15.36 -4.12
N LEU D 126 -24.78 -14.56 -5.15
CA LEU D 126 -25.13 -14.92 -6.52
C LEU D 126 -24.11 -15.85 -7.17
N VAL D 127 -22.83 -15.55 -6.99
CA VAL D 127 -21.79 -16.26 -7.70
C VAL D 127 -21.57 -17.65 -7.08
N ASP D 128 -21.60 -17.71 -5.76
CA ASP D 128 -21.60 -19.01 -5.09
C ASP D 128 -22.92 -19.75 -5.35
N GLY D 129 -24.03 -19.00 -5.35
CA GLY D 129 -25.35 -19.53 -5.69
C GLY D 129 -25.40 -20.20 -7.05
N ALA D 130 -24.77 -19.56 -8.03
CA ALA D 130 -24.73 -20.04 -9.40
C ALA D 130 -23.82 -21.27 -9.50
N ALA D 131 -22.71 -21.25 -8.77
CA ALA D 131 -21.78 -22.37 -8.73
C ALA D 131 -22.38 -23.58 -8.03
N ILE D 132 -23.22 -23.33 -7.01
CA ILE D 132 -23.92 -24.38 -6.29
C ILE D 132 -25.01 -25.01 -7.15
N VAL D 133 -25.86 -24.19 -7.76
CA VAL D 133 -26.85 -24.73 -8.70
C VAL D 133 -26.19 -25.73 -9.65
N ASN D 134 -25.06 -25.34 -10.22
CA ASN D 134 -24.28 -26.18 -11.12
C ASN D 134 -23.64 -27.41 -10.44
N GLN D 135 -23.23 -27.28 -9.18
CA GLN D 135 -22.56 -28.37 -8.48
C GLN D 135 -23.51 -29.42 -7.95
N VAL D 136 -24.70 -28.99 -7.56
CA VAL D 136 -25.78 -29.89 -7.16
C VAL D 136 -26.15 -30.78 -8.34
N ALA D 137 -26.34 -30.19 -9.51
CA ALA D 137 -26.61 -30.96 -10.73
C ALA D 137 -25.43 -31.85 -11.13
N LEU D 138 -24.25 -31.58 -10.60
CA LEU D 138 -23.10 -32.44 -10.89
C LEU D 138 -22.93 -33.57 -9.87
N CYS D 139 -23.76 -33.56 -8.84
CA CYS D 139 -23.70 -34.59 -7.79
C CYS D 139 -24.03 -35.99 -8.31
N ARG D 140 -24.77 -36.04 -9.42
CA ARG D 140 -25.10 -37.30 -10.06
C ARG D 140 -24.27 -37.51 -11.34
N THR D 141 -23.09 -36.88 -11.42
CA THR D 141 -22.20 -37.06 -12.57
C THR D 141 -21.71 -38.52 -12.63
N SER D 142 -21.41 -39.00 -13.83
CA SER D 142 -21.05 -40.40 -14.08
C SER D 142 -19.76 -40.87 -13.37
N TYR D 143 -18.81 -39.96 -13.22
CA TYR D 143 -17.55 -40.28 -12.58
C TYR D 143 -17.68 -40.13 -11.07
N GLY D 144 -17.18 -41.12 -10.35
CA GLY D 144 -17.34 -41.21 -8.90
C GLY D 144 -16.50 -40.22 -8.09
N PRO D 145 -15.18 -40.18 -8.32
CA PRO D 145 -14.34 -39.20 -7.60
C PRO D 145 -14.84 -37.77 -7.80
N TYR D 146 -15.27 -37.44 -9.02
CA TYR D 146 -15.89 -36.15 -9.29
C TYR D 146 -17.17 -35.99 -8.47
N ALA D 147 -18.17 -36.84 -8.72
CA ALA D 147 -19.47 -36.76 -8.05
C ALA D 147 -19.41 -36.75 -6.51
N ARG D 148 -18.40 -37.43 -5.95
CA ARG D 148 -18.23 -37.44 -4.49
C ARG D 148 -17.60 -36.13 -3.97
N ALA D 149 -16.62 -35.62 -4.72
CA ALA D 149 -16.05 -34.30 -4.45
C ALA D 149 -17.15 -33.24 -4.50
N MET D 150 -17.99 -33.33 -5.54
CA MET D 150 -19.15 -32.44 -5.67
C MET D 150 -20.08 -32.43 -4.47
N VAL D 151 -20.23 -33.58 -3.81
CA VAL D 151 -21.08 -33.66 -2.62
C VAL D 151 -20.42 -32.96 -1.44
N LYS D 152 -19.16 -33.29 -1.19
CA LYS D 152 -18.38 -32.75 -0.08
C LYS D 152 -18.35 -31.23 -0.18
N ILE D 153 -18.13 -30.74 -1.41
CA ILE D 153 -18.06 -29.31 -1.67
C ILE D 153 -19.39 -28.61 -1.44
N CYS D 154 -20.45 -29.05 -2.11
CA CYS D 154 -21.75 -28.41 -1.92
C CYS D 154 -22.13 -28.30 -0.46
N LYS D 155 -21.70 -29.29 0.33
CA LYS D 155 -21.96 -29.30 1.76
C LYS D 155 -21.24 -28.11 2.43
N GLU D 156 -19.96 -27.92 2.09
CA GLU D 156 -19.18 -26.85 2.69
C GLU D 156 -19.53 -25.47 2.11
N GLU D 157 -19.56 -25.36 0.78
CA GLU D 157 -19.77 -24.07 0.10
C GLU D 157 -21.09 -23.38 0.38
N SER D 158 -22.14 -24.15 0.68
CA SER D 158 -23.47 -23.54 0.89
C SER D 158 -23.62 -22.89 2.27
N PHE D 159 -22.76 -23.26 3.21
CA PHE D 159 -22.64 -22.52 4.46
C PHE D 159 -22.19 -21.07 4.19
N HIS D 160 -21.16 -20.91 3.36
CA HIS D 160 -20.66 -19.58 2.98
C HIS D 160 -21.61 -18.80 2.09
N GLN D 161 -22.40 -19.52 1.30
CA GLN D 161 -23.38 -18.91 0.43
C GLN D 161 -24.45 -18.21 1.25
N ARG D 162 -24.88 -18.86 2.33
CA ARG D 162 -25.85 -18.28 3.25
C ARG D 162 -25.23 -17.09 4.01
N GLN D 163 -23.91 -17.15 4.25
CA GLN D 163 -23.18 -16.04 4.85
C GLN D 163 -23.16 -14.85 3.90
N GLY D 164 -22.82 -15.11 2.64
CA GLY D 164 -22.89 -14.09 1.59
C GLY D 164 -24.25 -13.43 1.52
N PHE D 165 -25.30 -14.24 1.53
CA PHE D 165 -26.67 -13.75 1.48
C PHE D 165 -27.03 -12.90 2.69
N GLU D 166 -26.53 -13.29 3.86
CA GLU D 166 -26.76 -12.54 5.10
C GLU D 166 -26.06 -11.20 5.09
N ALA D 167 -24.88 -11.15 4.47
CA ALA D 167 -24.15 -9.91 4.28
C ALA D 167 -24.94 -8.96 3.38
N CYS D 168 -25.57 -9.50 2.35
CA CYS D 168 -26.43 -8.75 1.46
C CYS D 168 -27.68 -8.28 2.17
N MET D 169 -28.21 -9.13 3.03
CA MET D 169 -29.41 -8.81 3.79
C MET D 169 -29.16 -7.56 4.66
N ALA D 170 -27.99 -7.53 5.30
CA ALA D 170 -27.55 -6.39 6.11
C ALA D 170 -27.55 -5.07 5.33
N LEU D 171 -27.06 -5.11 4.10
CA LEU D 171 -27.08 -3.94 3.23
C LEU D 171 -28.50 -3.61 2.78
N ALA D 172 -29.28 -4.63 2.40
CA ALA D 172 -30.66 -4.42 1.98
C ALA D 172 -31.49 -3.69 3.04
N GLN D 173 -31.11 -3.87 4.30
CA GLN D 173 -31.85 -3.35 5.45
C GLN D 173 -31.15 -2.22 6.19
N GLY D 174 -30.01 -1.77 5.65
CA GLY D 174 -29.21 -0.74 6.29
C GLY D 174 -29.57 0.63 5.78
N SER D 175 -28.63 1.55 5.92
CA SER D 175 -28.80 2.93 5.49
C SER D 175 -29.06 3.03 4.00
N GLU D 176 -29.57 4.18 3.58
CA GLU D 176 -29.79 4.45 2.16
C GLU D 176 -28.52 4.20 1.37
N ALA D 177 -27.38 4.58 1.93
CA ALA D 177 -26.07 4.43 1.27
C ALA D 177 -25.68 2.96 1.10
N GLN D 178 -26.05 2.12 2.08
CA GLN D 178 -25.81 0.68 2.00
C GLN D 178 -26.66 -0.01 0.94
N LYS D 179 -27.92 0.41 0.81
CA LYS D 179 -28.82 -0.15 -0.20
C LYS D 179 -28.32 0.11 -1.61
N GLN D 180 -27.81 1.32 -1.83
CA GLN D 180 -27.34 1.70 -3.15
C GLN D 180 -26.10 0.89 -3.53
N MET D 181 -25.29 0.60 -2.52
CA MET D 181 -24.06 -0.14 -2.73
C MET D 181 -24.35 -1.54 -3.24
N LEU D 182 -25.36 -2.18 -2.67
CA LEU D 182 -25.79 -3.51 -3.04
C LEU D 182 -26.41 -3.48 -4.42
N GLN D 183 -27.33 -2.55 -4.66
CA GLN D 183 -27.95 -2.44 -5.98
C GLN D 183 -26.90 -2.36 -7.08
N ASP D 184 -25.82 -1.63 -6.80
CA ASP D 184 -24.77 -1.45 -7.78
C ASP D 184 -23.96 -2.72 -7.98
N ALA D 185 -23.75 -3.48 -6.91
CA ALA D 185 -23.02 -4.74 -6.99
C ALA D 185 -23.83 -5.74 -7.80
N ILE D 186 -25.13 -5.82 -7.49
CA ILE D 186 -26.05 -6.66 -8.26
C ILE D 186 -25.97 -6.28 -9.74
N ASN D 187 -26.10 -4.99 -10.03
CA ASN D 187 -26.02 -4.50 -11.41
C ASN D 187 -24.75 -4.89 -12.16
N ARG D 188 -23.60 -4.89 -11.50
CA ARG D 188 -22.34 -5.26 -12.16
C ARG D 188 -22.07 -6.76 -12.19
N PHE D 189 -22.89 -7.54 -11.48
CA PHE D 189 -22.63 -8.98 -11.33
C PHE D 189 -23.70 -9.89 -11.86
N TRP D 190 -24.92 -9.39 -12.02
CA TRP D 190 -26.03 -10.21 -12.49
C TRP D 190 -25.76 -10.90 -13.82
N TRP D 191 -25.46 -10.12 -14.84
CA TRP D 191 -25.21 -10.68 -16.15
C TRP D 191 -23.98 -11.57 -16.15
N PRO D 192 -22.86 -11.10 -15.56
CA PRO D 192 -21.69 -11.99 -15.49
C PRO D 192 -21.95 -13.29 -14.74
N ALA D 193 -22.88 -13.28 -13.78
CA ALA D 193 -23.29 -14.52 -13.10
C ALA D 193 -24.00 -15.52 -14.05
N LEU D 194 -24.94 -15.03 -14.85
CA LEU D 194 -25.62 -15.89 -15.83
C LEU D 194 -24.68 -16.58 -16.82
N MET D 195 -23.58 -15.92 -17.17
CA MET D 195 -22.64 -16.49 -18.13
C MET D 195 -21.80 -17.62 -17.54
N MET D 196 -21.89 -17.83 -16.22
CA MET D 196 -21.10 -18.88 -15.57
C MET D 196 -21.50 -20.24 -16.06
N PHE D 197 -22.76 -20.35 -16.47
CA PHE D 197 -23.31 -21.60 -16.93
C PHE D 197 -22.85 -22.00 -18.32
N GLY D 198 -22.24 -21.07 -19.05
CA GLY D 198 -21.63 -21.39 -20.33
C GLY D 198 -22.53 -20.96 -21.46
N PRO D 199 -22.12 -21.26 -22.70
CA PRO D 199 -22.87 -20.77 -23.87
C PRO D 199 -24.24 -21.41 -24.05
N ASN D 200 -24.93 -21.04 -25.13
CA ASN D 200 -26.20 -21.62 -25.56
C ASN D 200 -26.14 -23.11 -25.78
N ASP D 201 -27.32 -23.71 -25.93
CA ASP D 201 -27.42 -25.12 -26.34
C ASP D 201 -27.10 -25.27 -27.83
N ASP D 202 -27.31 -24.21 -28.60
CA ASP D 202 -26.96 -24.19 -30.02
C ASP D 202 -25.46 -24.03 -30.25
N ASN D 203 -24.74 -23.54 -29.25
CA ASN D 203 -23.30 -23.31 -29.38
C ASN D 203 -22.51 -23.98 -28.27
N SER D 204 -22.75 -25.27 -28.07
CA SER D 204 -22.08 -26.00 -27.00
C SER D 204 -21.40 -27.28 -27.53
N PRO D 205 -20.15 -27.16 -28.03
CA PRO D 205 -19.41 -28.28 -28.64
C PRO D 205 -19.22 -29.51 -27.73
N ASN D 206 -18.99 -29.27 -26.44
CA ASN D 206 -18.89 -30.37 -25.49
C ASN D 206 -20.23 -31.04 -25.12
N SER D 207 -21.36 -30.31 -25.28
CA SER D 207 -22.68 -30.75 -24.76
C SER D 207 -23.19 -32.11 -25.25
N ALA D 208 -22.96 -32.41 -26.54
CA ALA D 208 -23.37 -33.68 -27.12
C ALA D 208 -22.82 -34.87 -26.31
N ARG D 209 -21.50 -35.02 -26.33
CA ARG D 209 -20.79 -36.07 -25.58
C ARG D 209 -21.05 -36.08 -24.08
N SER D 210 -20.98 -34.91 -23.46
CA SER D 210 -21.10 -34.81 -22.01
C SER D 210 -22.41 -35.38 -21.51
N LEU D 211 -23.50 -35.10 -22.22
CA LEU D 211 -24.82 -35.56 -21.83
C LEU D 211 -24.96 -37.08 -22.02
N THR D 212 -24.43 -37.56 -23.15
CA THR D 212 -24.37 -38.98 -23.51
C THR D 212 -23.62 -39.82 -22.47
N TRP D 213 -22.46 -39.32 -22.02
CA TRP D 213 -21.68 -39.98 -20.99
C TRP D 213 -22.09 -39.60 -19.57
N LYS D 214 -23.23 -38.90 -19.46
CA LYS D 214 -23.76 -38.43 -18.16
C LYS D 214 -22.71 -37.76 -17.29
N ILE D 215 -21.71 -37.16 -17.93
CA ILE D 215 -20.75 -36.26 -17.28
C ILE D 215 -21.45 -34.97 -16.87
N LYS D 216 -22.36 -34.54 -17.74
CA LYS D 216 -23.17 -33.36 -17.54
C LYS D 216 -24.62 -33.82 -17.55
N ARG D 217 -25.38 -33.45 -16.53
CA ARG D 217 -26.76 -33.94 -16.38
C ARG D 217 -27.84 -33.02 -16.96
N PHE D 218 -27.56 -31.72 -17.04
CA PHE D 218 -28.52 -30.77 -17.56
C PHE D 218 -27.80 -29.82 -18.51
N THR D 219 -28.53 -29.25 -19.47
CA THR D 219 -27.91 -28.34 -20.43
C THR D 219 -27.54 -27.02 -19.77
N ASN D 220 -26.61 -26.31 -20.40
CA ASN D 220 -26.19 -25.00 -19.93
C ASN D 220 -27.38 -24.04 -19.74
N ASP D 221 -28.29 -24.02 -20.70
CA ASP D 221 -29.49 -23.19 -20.60
C ASP D 221 -30.42 -23.66 -19.49
N GLU D 222 -30.55 -24.97 -19.29
CA GLU D 222 -31.46 -25.52 -18.29
C GLU D 222 -31.06 -25.09 -16.87
N LEU D 223 -29.77 -25.22 -16.58
CA LEU D 223 -29.20 -24.84 -15.29
C LEU D 223 -29.29 -23.34 -15.05
N ARG D 224 -28.90 -22.56 -16.05
CA ARG D 224 -29.09 -21.11 -16.04
C ARG D 224 -30.55 -20.70 -15.74
N GLN D 225 -31.51 -21.34 -16.39
CA GLN D 225 -32.93 -21.13 -16.10
C GLN D 225 -33.30 -21.47 -14.65
N ARG D 226 -32.76 -22.58 -14.14
CA ARG D 226 -32.98 -22.96 -12.74
C ARG D 226 -32.49 -21.88 -11.79
N PHE D 227 -31.23 -21.44 -12.02
CA PHE D 227 -30.63 -20.36 -11.25
C PHE D 227 -31.52 -19.13 -11.20
N VAL D 228 -31.90 -18.63 -12.37
CA VAL D 228 -32.75 -17.45 -12.47
C VAL D 228 -34.04 -17.63 -11.65
N ASP D 229 -34.66 -18.81 -11.77
CA ASP D 229 -35.91 -19.12 -11.07
C ASP D 229 -35.78 -19.16 -9.55
N ASN D 230 -34.65 -19.68 -9.06
CA ASN D 230 -34.36 -19.68 -7.61
C ASN D 230 -34.05 -18.30 -7.09
N THR D 231 -33.27 -17.55 -7.87
CA THR D 231 -32.67 -16.31 -7.40
C THR D 231 -33.61 -15.08 -7.43
N VAL D 232 -34.46 -14.99 -8.43
CA VAL D 232 -35.28 -13.79 -8.56
C VAL D 232 -36.12 -13.50 -7.31
N PRO D 233 -36.78 -14.52 -6.73
CA PRO D 233 -37.57 -14.17 -5.55
C PRO D 233 -36.69 -13.71 -4.40
N GLN D 234 -35.45 -14.20 -4.36
CA GLN D 234 -34.47 -13.79 -3.36
C GLN D 234 -34.14 -12.30 -3.53
N VAL D 235 -34.14 -11.84 -4.78
CA VAL D 235 -33.89 -10.43 -5.08
C VAL D 235 -35.07 -9.56 -4.67
N GLU D 236 -36.28 -10.01 -4.95
CA GLU D 236 -37.48 -9.24 -4.59
C GLU D 236 -37.62 -9.15 -3.08
N MET D 237 -37.15 -10.20 -2.39
CA MET D 237 -37.18 -10.29 -0.94
C MET D 237 -36.36 -9.18 -0.31
N LEU D 238 -35.17 -8.95 -0.86
CA LEU D 238 -34.28 -7.88 -0.40
C LEU D 238 -34.79 -6.48 -0.79
N GLY D 239 -35.83 -6.43 -1.62
CA GLY D 239 -36.35 -5.16 -2.13
C GLY D 239 -35.37 -4.52 -3.10
N MET D 240 -34.74 -5.36 -3.91
CA MET D 240 -33.81 -4.90 -4.94
C MET D 240 -34.39 -5.19 -6.31
N THR D 241 -33.62 -4.87 -7.34
CA THR D 241 -33.99 -5.17 -8.72
C THR D 241 -32.83 -5.83 -9.46
N VAL D 242 -33.16 -6.44 -10.58
CA VAL D 242 -32.17 -7.03 -11.49
C VAL D 242 -32.05 -6.13 -12.73
N PRO D 243 -30.81 -5.86 -13.18
CA PRO D 243 -30.63 -5.00 -14.34
C PRO D 243 -31.10 -5.67 -15.63
N ASP D 244 -32.41 -5.88 -15.76
CA ASP D 244 -32.98 -6.54 -16.93
C ASP D 244 -34.41 -6.08 -17.22
N PRO D 245 -34.57 -5.23 -18.24
CA PRO D 245 -35.90 -4.73 -18.60
C PRO D 245 -36.84 -5.85 -19.03
N ASP D 246 -36.30 -6.88 -19.68
CA ASP D 246 -37.13 -7.95 -20.23
C ASP D 246 -37.53 -9.05 -19.24
N LEU D 247 -37.03 -8.99 -18.02
CA LEU D 247 -37.32 -10.02 -17.03
C LEU D 247 -38.75 -9.91 -16.54
N HIS D 248 -39.48 -11.02 -16.60
CA HIS D 248 -40.81 -11.09 -16.00
C HIS D 248 -41.21 -12.55 -15.87
N PHE D 249 -42.19 -12.84 -15.02
CA PHE D 249 -42.66 -14.20 -14.85
C PHE D 249 -43.69 -14.56 -15.90
N ASP D 250 -43.49 -15.71 -16.54
CA ASP D 250 -44.36 -16.20 -17.61
C ASP D 250 -45.26 -17.34 -17.12
N THR D 251 -46.46 -16.97 -16.65
CA THR D 251 -47.50 -17.91 -16.21
C THR D 251 -47.48 -19.20 -17.02
N GLU D 252 -47.81 -19.09 -18.30
CA GLU D 252 -48.00 -20.22 -19.18
C GLU D 252 -46.86 -21.25 -19.18
N SER D 253 -45.62 -20.81 -19.01
CA SER D 253 -44.53 -21.77 -18.90
C SER D 253 -44.04 -22.00 -17.45
N GLY D 254 -44.45 -21.12 -16.54
CA GLY D 254 -44.06 -21.22 -15.14
C GLY D 254 -42.59 -20.94 -14.86
N HIS D 255 -41.93 -20.28 -15.81
CA HIS D 255 -40.55 -19.85 -15.64
C HIS D 255 -40.46 -18.32 -15.67
N TYR D 256 -39.36 -17.79 -15.16
CA TYR D 256 -39.01 -16.40 -15.35
C TYR D 256 -38.35 -16.28 -16.70
N ARG D 257 -39.01 -15.61 -17.64
CA ARG D 257 -38.39 -15.31 -18.93
C ARG D 257 -37.44 -14.16 -18.73
N PHE D 258 -36.24 -14.26 -19.27
CA PHE D 258 -35.24 -13.22 -19.07
C PHE D 258 -34.53 -12.78 -20.36
N GLY D 259 -33.80 -11.67 -20.27
CA GLY D 259 -33.20 -10.98 -21.41
C GLY D 259 -32.11 -11.72 -22.15
N GLU D 260 -31.64 -11.13 -23.25
CA GLU D 260 -30.59 -11.75 -24.07
C GLU D 260 -29.20 -11.49 -23.47
N ILE D 261 -28.35 -12.50 -23.44
CA ILE D 261 -26.98 -12.35 -22.95
C ILE D 261 -26.10 -11.69 -24.00
N ASP D 262 -25.20 -10.81 -23.57
CA ASP D 262 -24.26 -10.21 -24.50
C ASP D 262 -23.14 -11.23 -24.75
N TRP D 263 -23.36 -12.07 -25.76
CA TRP D 263 -22.42 -13.14 -26.11
C TRP D 263 -21.08 -12.62 -26.62
N GLN D 264 -21.10 -11.40 -27.12
CA GLN D 264 -19.90 -10.76 -27.65
C GLN D 264 -18.95 -10.42 -26.49
N GLU D 265 -19.52 -10.02 -25.35
CA GLU D 265 -18.75 -9.86 -24.13
C GLU D 265 -18.26 -11.21 -23.61
N PHE D 266 -19.15 -12.20 -23.59
CA PHE D 266 -18.81 -13.53 -23.11
C PHE D 266 -17.58 -14.04 -23.85
N ASN D 267 -17.60 -13.92 -25.17
CA ASN D 267 -16.48 -14.33 -26.01
C ASN D 267 -15.16 -13.62 -25.71
N GLU D 268 -15.21 -12.33 -25.41
CA GLU D 268 -14.01 -11.59 -25.08
C GLU D 268 -13.47 -12.09 -23.75
N VAL D 269 -14.37 -12.28 -22.79
CA VAL D 269 -13.95 -12.62 -21.45
C VAL D 269 -13.23 -13.96 -21.41
N ILE D 270 -13.82 -14.99 -22.03
CA ILE D 270 -13.17 -16.31 -22.03
C ILE D 270 -11.85 -16.32 -22.82
N ASN D 271 -11.75 -15.46 -23.85
CA ASN D 271 -10.54 -15.33 -24.64
C ASN D 271 -9.51 -14.36 -24.10
N GLY D 272 -9.56 -14.14 -22.78
CA GLY D 272 -8.54 -13.36 -22.05
C GLY D 272 -8.59 -11.84 -22.13
N ARG D 273 -9.65 -11.29 -22.71
CA ARG D 273 -9.77 -9.84 -22.85
C ARG D 273 -10.94 -9.27 -22.08
N GLY D 274 -11.09 -9.73 -20.83
CA GLY D 274 -12.04 -9.16 -19.89
C GLY D 274 -11.40 -8.07 -19.05
N ILE D 275 -11.97 -7.72 -17.95
CA ILE D 275 -11.42 -6.66 -17.17
C ILE D 275 -10.24 -7.08 -16.35
N CYS D 276 -10.40 -8.06 -15.49
CA CYS D 276 -9.31 -8.47 -14.64
C CYS D 276 -8.47 -9.58 -15.17
N ASN D 277 -8.94 -10.28 -16.17
CA ASN D 277 -8.21 -11.36 -16.80
C ASN D 277 -6.72 -11.33 -16.68
N GLN D 278 -6.11 -10.22 -16.97
CA GLN D 278 -4.68 -10.18 -17.03
C GLN D 278 -4.07 -9.91 -15.72
N GLU D 279 -4.84 -9.34 -14.86
CA GLU D 279 -4.34 -8.92 -13.63
C GLU D 279 -4.43 -10.13 -12.74
N ARG D 280 -5.21 -11.09 -13.17
CA ARG D 280 -5.36 -12.38 -12.47
C ARG D 280 -4.20 -13.32 -12.79
N LEU D 281 -3.99 -13.59 -14.08
CA LEU D 281 -2.89 -14.47 -14.47
C LEU D 281 -1.55 -13.90 -14.01
N ASP D 282 -1.33 -12.61 -14.28
CA ASP D 282 -0.17 -11.88 -13.74
C ASP D 282 0.04 -12.15 -12.25
N ALA D 283 -1.04 -12.09 -11.47
CA ALA D 283 -0.94 -12.26 -10.03
C ALA D 283 -0.46 -13.67 -9.66
N LYS D 284 -0.97 -14.66 -10.38
CA LYS D 284 -0.63 -16.06 -10.15
C LYS D 284 0.74 -16.38 -10.73
N ARG D 285 1.01 -15.85 -11.92
CA ARG D 285 2.33 -15.97 -12.51
C ARG D 285 3.39 -15.41 -11.58
N LYS D 286 3.13 -14.21 -11.01
CA LYS D 286 4.05 -13.58 -10.05
C LYS D 286 4.23 -14.41 -8.77
N ALA D 287 3.14 -14.92 -8.22
CA ALA D 287 3.20 -15.74 -7.01
C ALA D 287 3.99 -17.01 -7.25
N TRP D 288 3.92 -17.50 -8.48
CA TRP D 288 4.65 -18.70 -8.89
C TRP D 288 6.15 -18.42 -9.05
N GLU D 289 6.49 -17.40 -9.83
CA GLU D 289 7.89 -17.07 -10.07
C GLU D 289 8.65 -16.59 -8.82
N GLU D 290 8.08 -15.65 -8.09
CA GLU D 290 8.70 -15.17 -6.86
C GLU D 290 8.77 -16.27 -5.79
N GLY D 291 7.87 -17.24 -5.89
CA GLY D 291 7.85 -18.35 -4.94
C GLY D 291 8.89 -19.42 -5.21
N THR D 292 9.54 -19.35 -6.39
CA THR D 292 10.49 -20.37 -6.81
C THR D 292 11.52 -20.71 -5.73
N TRP D 293 12.28 -19.72 -5.30
CA TRP D 293 13.35 -19.95 -4.33
C TRP D 293 12.88 -20.65 -3.07
N VAL D 294 11.59 -20.57 -2.79
CA VAL D 294 10.98 -21.14 -1.57
C VAL D 294 10.69 -22.63 -1.73
N ARG D 295 10.12 -22.99 -2.88
CA ARG D 295 9.86 -24.40 -3.22
C ARG D 295 11.17 -25.15 -3.38
N GLU D 296 12.13 -24.52 -4.04
CA GLU D 296 13.46 -25.08 -4.21
C GLU D 296 14.18 -25.28 -2.89
N ALA D 297 13.98 -24.36 -1.95
CA ALA D 297 14.59 -24.50 -0.62
C ALA D 297 13.96 -25.66 0.14
N ALA D 298 12.64 -25.82 -0.02
CA ALA D 298 11.88 -26.88 0.66
C ALA D 298 12.31 -28.26 0.16
N LEU D 299 12.67 -28.32 -1.12
CA LEU D 299 13.10 -29.55 -1.78
C LEU D 299 14.47 -29.95 -1.25
N ALA D 300 15.44 -29.03 -1.35
CA ALA D 300 16.81 -29.28 -0.91
C ALA D 300 16.93 -29.55 0.60
N HIS D 301 15.94 -29.14 1.38
CA HIS D 301 15.93 -29.44 2.80
C HIS D 301 15.42 -30.85 3.08
N ALA D 302 14.43 -31.29 2.32
CA ALA D 302 13.84 -32.63 2.48
C ALA D 302 14.84 -33.72 2.04
N GLN D 303 16.01 -33.27 1.60
CA GLN D 303 17.08 -34.14 1.13
C GLN D 303 18.21 -34.34 2.16
N LYS D 304 17.98 -33.97 3.42
CA LYS D 304 19.00 -34.11 4.44
C LYS D 304 18.41 -34.68 5.73
N1A ACO E . 22.30 15.83 14.49
C2A ACO E . 23.36 15.07 14.16
N3A ACO E . 24.59 15.34 14.60
C4A ACO E . 24.80 16.40 15.41
C5A ACO E . 23.73 17.22 15.77
C6A ACO E . 22.45 16.91 15.29
N6A ACO E . 21.40 17.68 15.60
N7A ACO E . 24.21 18.19 16.56
C8A ACO E . 25.53 17.98 16.69
N9A ACO E . 25.89 16.90 15.99
C1B ACO E . 27.24 16.29 15.88
C2B ACO E . 28.26 17.22 15.24
O2B ACO E . 28.08 17.22 13.81
C3B ACO E . 29.55 16.49 15.66
O3B ACO E . 29.66 15.29 14.90
P3B ACO E . 30.80 15.21 13.75
O7A ACO E . 32.09 15.88 14.16
O8A ACO E . 30.96 13.61 13.46
O9A ACO E . 30.15 15.81 12.39
C4B ACO E . 29.27 16.12 17.10
O4B ACO E . 27.81 16.06 17.23
C5B ACO E . 29.87 17.17 18.09
O5B ACO E . 29.03 18.37 18.21
P1A ACO E . 29.64 19.85 17.73
O1A ACO E . 31.07 20.01 18.19
O2A ACO E . 28.65 21.04 18.32
O3A ACO E . 29.48 19.90 16.13
P2A ACO E . 29.30 21.27 15.25
O4A ACO E . 30.38 22.30 15.49
O5A ACO E . 29.31 20.71 13.68
O6A ACO E . 27.77 21.86 15.58
CBP ACO E . 25.73 22.14 14.19
CCP ACO E . 26.52 21.26 15.16
CDP ACO E . 25.41 23.52 14.79
CEP ACO E . 24.44 21.37 13.95
CAP ACO E . 26.53 22.36 12.86
OAP ACO E . 27.30 21.17 12.58
C9P ACO E . 25.63 22.71 11.63
O9P ACO E . 25.04 23.80 11.56
N8P ACO E . 25.56 21.72 10.70
C7P ACO E . 24.78 21.78 9.44
C6P ACO E . 23.51 20.90 9.53
C5P ACO E . 22.35 21.68 10.21
O5P ACO E . 22.53 22.74 10.83
N4P ACO E . 21.14 21.10 10.07
C3P ACO E . 19.92 21.69 10.67
C2P ACO E . 18.70 20.98 10.07
S1P ACO E . 18.77 20.94 8.25
C ACO E . 17.00 21.05 7.75
O ACO E . 16.67 21.29 6.57
CH3 ACO E . 15.90 20.81 8.81
N1A ACO F . -15.73 -19.67 -17.93
C2A ACO F . -14.73 -20.15 -18.67
N3A ACO F . -14.94 -21.03 -19.64
C4A ACO F . -16.19 -21.47 -19.89
C5A ACO F . -17.26 -20.98 -19.15
C6A ACO F . -17.01 -20.06 -18.14
N6A ACO F . -18.02 -19.59 -17.38
N7A ACO F . -18.37 -21.57 -19.61
C8A ACO F . -18.01 -22.38 -20.62
N9A ACO F . -16.67 -22.32 -20.79
C1B ACO F . -15.86 -23.05 -21.83
C2B ACO F . -15.98 -24.55 -21.75
O2B ACO F . -15.15 -25.02 -20.68
C3B ACO F . -15.41 -24.93 -23.12
O3B ACO F . -14.02 -24.62 -23.18
P3B ACO F . -12.97 -25.82 -23.21
O7A ACO F . -13.41 -26.98 -24.07
O8A ACO F . -11.59 -25.06 -23.71
O9A ACO F . -12.75 -26.23 -21.60
C4B ACO F . -16.08 -23.93 -24.06
O4B ACO F . -16.26 -22.72 -23.23
C5B ACO F . -17.36 -24.55 -24.72
O5B ACO F . -18.48 -24.55 -23.81
P1A ACO F . -19.18 -25.95 -23.41
O1A ACO F . -19.30 -26.91 -24.56
O2A ACO F . -20.63 -25.59 -22.72
O3A ACO F . -18.27 -26.52 -22.16
P2A ACO F . -18.87 -27.49 -20.99
O4A ACO F . -19.53 -28.74 -21.49
O5A ACO F . -17.48 -27.84 -20.16
O6A ACO F . -19.88 -26.67 -19.96
CBP ACO F . -19.55 -25.85 -17.57
CCP ACO F . -19.41 -25.58 -19.10
CDP ACO F . -21.02 -26.18 -17.20
CEP ACO F . -19.13 -24.54 -16.88
CAP ACO F . -18.62 -27.03 -17.16
OAP ACO F . -17.36 -26.90 -17.87
C9P ACO F . -18.32 -27.11 -15.62
O9P ACO F . -19.20 -27.39 -14.78
N8P ACO F . -17.02 -26.86 -15.33
C7P ACO F . -16.43 -26.83 -13.98
C6P ACO F . -16.15 -25.37 -13.54
C5P ACO F . -17.43 -24.66 -13.00
O5P ACO F . -18.56 -25.10 -13.29
N4P ACO F . -17.21 -23.59 -12.22
C3P ACO F . -18.30 -22.78 -11.61
C2P ACO F . -17.66 -21.72 -10.70
S1P ACO F . -16.33 -22.39 -9.60
C ACO F . -16.51 -21.39 -8.07
O ACO F . -15.99 -21.76 -7.01
CH3 ACO F . -17.32 -20.08 -8.10
#